data_7Z7Y
# 
_entry.id   7Z7Y 
# 
_audit_conform.dict_name       mmcif_pdbx.dic 
_audit_conform.dict_version    5.385 
_audit_conform.dict_location   http://mmcif.pdb.org/dictionaries/ascii/mmcif_pdbx.dic 
# 
loop_
_database_2.database_id 
_database_2.database_code 
_database_2.pdbx_database_accession 
_database_2.pdbx_DOI 
PDB   7Z7Y         pdb_00007z7y 10.2210/pdb7z7y/pdb 
WWPDB D_1292120577 ?            ?                   
# 
loop_
_pdbx_audit_revision_history.ordinal 
_pdbx_audit_revision_history.data_content_type 
_pdbx_audit_revision_history.major_revision 
_pdbx_audit_revision_history.minor_revision 
_pdbx_audit_revision_history.revision_date 
1 'Structure model' 1 0 2023-03-29 
2 'Structure model' 1 1 2023-10-11 
3 'Structure model' 1 2 2024-02-07 
# 
_pdbx_audit_revision_details.ordinal             1 
_pdbx_audit_revision_details.revision_ordinal    1 
_pdbx_audit_revision_details.data_content_type   'Structure model' 
_pdbx_audit_revision_details.provider            repository 
_pdbx_audit_revision_details.type                'Initial release' 
_pdbx_audit_revision_details.description         ? 
_pdbx_audit_revision_details.details             ? 
# 
loop_
_pdbx_audit_revision_group.ordinal 
_pdbx_audit_revision_group.revision_ordinal 
_pdbx_audit_revision_group.data_content_type 
_pdbx_audit_revision_group.group 
1 2 'Structure model' 'Data collection'        
2 2 'Structure model' 'Database references'    
3 3 'Structure model' 'Refinement description' 
# 
loop_
_pdbx_audit_revision_category.ordinal 
_pdbx_audit_revision_category.revision_ordinal 
_pdbx_audit_revision_category.data_content_type 
_pdbx_audit_revision_category.category 
1 2 'Structure model' chem_comp_atom                
2 2 'Structure model' chem_comp_bond                
3 2 'Structure model' citation                      
4 2 'Structure model' citation_author               
5 3 'Structure model' pdbx_initial_refinement_model 
# 
loop_
_pdbx_audit_revision_item.ordinal 
_pdbx_audit_revision_item.revision_ordinal 
_pdbx_audit_revision_item.data_content_type 
_pdbx_audit_revision_item.item 
1  2 'Structure model' '_citation.journal_abbrev'          
2  2 'Structure model' '_citation.journal_id_CSD'          
3  2 'Structure model' '_citation.journal_id_ISSN'         
4  2 'Structure model' '_citation.journal_volume'          
5  2 'Structure model' '_citation.page_first'              
6  2 'Structure model' '_citation.page_last'               
7  2 'Structure model' '_citation.pdbx_database_id_DOI'    
8  2 'Structure model' '_citation.pdbx_database_id_PubMed' 
9  2 'Structure model' '_citation.title'                   
10 2 'Structure model' '_citation.year'                    
# 
_pdbx_database_status.status_code                     REL 
_pdbx_database_status.status_code_sf                  REL 
_pdbx_database_status.status_code_mr                  ? 
_pdbx_database_status.entry_id                        7Z7Y 
_pdbx_database_status.recvd_initial_deposition_date   2022-03-16 
_pdbx_database_status.SG_entry                        N 
_pdbx_database_status.deposit_site                    PDBE 
_pdbx_database_status.process_site                    PDBE 
_pdbx_database_status.status_code_cs                  ? 
_pdbx_database_status.status_code_nmr_data            ? 
_pdbx_database_status.methods_development_category    ? 
_pdbx_database_status.pdb_format_compatible           Y 
# 
_pdbx_database_related.db_name        PDB 
_pdbx_database_related.details        . 
_pdbx_database_related.db_id          6ROS 
_pdbx_database_related.content_type   unspecified 
# 
_pdbx_contact_author.id                 2 
_pdbx_contact_author.email              bohdan@ibt.cas.cz 
_pdbx_contact_author.name_first         Bohdan 
_pdbx_contact_author.name_last          Schneider 
_pdbx_contact_author.name_mi            ? 
_pdbx_contact_author.role               'principal investigator/group leader' 
_pdbx_contact_author.identifier_ORCID   0000-0001-7855-3690 
# 
loop_
_audit_author.name 
_audit_author.pdbx_ordinal 
_audit_author.identifier_ORCID 
'Svoboda, J.'   1 0000-0003-3056-2357 
'Schneider, B.' 2 0000-0001-7855-3690 
'Berdar, D.'    3 ?                   
'Kolenko, P.'   4 0000-0002-4619-9276 
# 
_citation.abstract                  ? 
_citation.abstract_id_CAS           ? 
_citation.book_id_ISBN              ? 
_citation.book_publisher            ? 
_citation.book_publisher_city       ? 
_citation.book_title                ? 
_citation.coordinate_linkage        ? 
_citation.country                   ? 
_citation.database_id_Medline       ? 
_citation.details                   ? 
_citation.id                        primary 
_citation.journal_abbrev            'Acta Crystallogr D Struct Biol' 
_citation.journal_id_ASTM           ? 
_citation.journal_id_CSD            ? 
_citation.journal_id_ISSN           2059-7983 
_citation.journal_full              ? 
_citation.journal_issue             ? 
_citation.journal_volume            79 
_citation.language                  ? 
_citation.page_first                655 
_citation.page_last                 665 
_citation.title                     'Conformation-based refinement of 18-mer DNA structures.' 
_citation.year                      2023 
_citation.database_id_CSD           ? 
_citation.pdbx_database_id_DOI      10.1107/S2059798323004679 
_citation.pdbx_database_id_PubMed   37338420 
_citation.pdbx_database_id_patent   ? 
_citation.unpublished_flag          ? 
# 
loop_
_citation_author.citation_id 
_citation_author.name 
_citation_author.ordinal 
_citation_author.identifier_ORCID 
primary 'Svoboda, J.'   1 0000-0003-3056-2357 
primary 'Berdar, D.'    2 ?                   
primary 'Kolenko, P.'   3 0000-0002-4619-9276 
primary 'Cerny, J.'     4 0000-0002-1969-9304 
primary 'Novakova, Z.'  5 0000-0001-9804-6346 
primary 'Pavlicek, J.'  6 ?                   
primary 'Schneider, B.' 7 0000-0001-7855-3690 
# 
loop_
_entity.id 
_entity.type 
_entity.src_method 
_entity.pdbx_description 
_entity.formula_weight 
_entity.pdbx_number_of_molecules 
_entity.pdbx_ec 
_entity.pdbx_mutation 
_entity.pdbx_fragment 
_entity.details 
1 polymer     syn 'Chom18-GT DNA' 5534.553 1 ? ? ? ? 
2 non-polymer syn 'STRONTIUM ION' 87.620   2 ? ? ? ? 
# 
_entity_poly.entity_id                      1 
_entity_poly.type                           polydeoxyribonucleotide 
_entity_poly.nstd_linkage                   no 
_entity_poly.nstd_monomer                   no 
_entity_poly.pdbx_seq_one_letter_code       '(DG)(DG)(DT)(DG)(DG)(DG)(DG)(DC)(DG)(DT)(DG)(DC)(DC)(DC)(DC)(DA)(DC)(DC)' 
_entity_poly.pdbx_seq_one_letter_code_can   GGTGGGGCGTGCCCCACC 
_entity_poly.pdbx_strand_id                 A 
_entity_poly.pdbx_target_identifier         ? 
# 
_pdbx_entity_nonpoly.entity_id   2 
_pdbx_entity_nonpoly.name        'STRONTIUM ION' 
_pdbx_entity_nonpoly.comp_id     SR 
# 
loop_
_entity_poly_seq.entity_id 
_entity_poly_seq.num 
_entity_poly_seq.mon_id 
_entity_poly_seq.hetero 
1 1  DG n 
1 2  DG n 
1 3  DT n 
1 4  DG n 
1 5  DG n 
1 6  DG n 
1 7  DG n 
1 8  DC n 
1 9  DG n 
1 10 DT n 
1 11 DG n 
1 12 DC n 
1 13 DC n 
1 14 DC n 
1 15 DC n 
1 16 DA n 
1 17 DC n 
1 18 DC n 
# 
_pdbx_entity_src_syn.entity_id              1 
_pdbx_entity_src_syn.pdbx_src_id            1 
_pdbx_entity_src_syn.pdbx_alt_source_flag   sample 
_pdbx_entity_src_syn.pdbx_beg_seq_num       1 
_pdbx_entity_src_syn.pdbx_end_seq_num       18 
_pdbx_entity_src_syn.organism_scientific    'Cardiobacterium hominis' 
_pdbx_entity_src_syn.organism_common_name   ? 
_pdbx_entity_src_syn.ncbi_taxonomy_id       2718 
_pdbx_entity_src_syn.details                ? 
# 
loop_
_chem_comp.id 
_chem_comp.type 
_chem_comp.mon_nstd_flag 
_chem_comp.name 
_chem_comp.pdbx_synonyms 
_chem_comp.formula 
_chem_comp.formula_weight 
DA 'DNA linking' y "2'-DEOXYADENOSINE-5'-MONOPHOSPHATE" ? 'C10 H14 N5 O6 P' 331.222 
DC 'DNA linking' y "2'-DEOXYCYTIDINE-5'-MONOPHOSPHATE"  ? 'C9 H14 N3 O7 P'  307.197 
DG 'DNA linking' y "2'-DEOXYGUANOSINE-5'-MONOPHOSPHATE" ? 'C10 H14 N5 O7 P' 347.221 
DT 'DNA linking' y "THYMIDINE-5'-MONOPHOSPHATE"         ? 'C10 H15 N2 O8 P' 322.208 
SR non-polymer   . 'STRONTIUM ION'                      ? 'Sr 2'            87.620  
# 
loop_
_pdbx_poly_seq_scheme.asym_id 
_pdbx_poly_seq_scheme.entity_id 
_pdbx_poly_seq_scheme.seq_id 
_pdbx_poly_seq_scheme.mon_id 
_pdbx_poly_seq_scheme.ndb_seq_num 
_pdbx_poly_seq_scheme.pdb_seq_num 
_pdbx_poly_seq_scheme.auth_seq_num 
_pdbx_poly_seq_scheme.pdb_mon_id 
_pdbx_poly_seq_scheme.auth_mon_id 
_pdbx_poly_seq_scheme.pdb_strand_id 
_pdbx_poly_seq_scheme.pdb_ins_code 
_pdbx_poly_seq_scheme.hetero 
A 1 1  DG 1  1  1  DG DG A . n 
A 1 2  DG 2  2  2  DG DG A . n 
A 1 3  DT 3  3  3  DT DT A . n 
A 1 4  DG 4  4  4  DG DG A . n 
A 1 5  DG 5  5  5  DG DG A . n 
A 1 6  DG 6  6  6  DG DG A . n 
A 1 7  DG 7  7  7  DG DG A . n 
A 1 8  DC 8  8  8  DC DC A . n 
A 1 9  DG 9  9  9  DG DG A . n 
A 1 10 DT 10 10 10 DT DT A . n 
A 1 11 DG 11 11 11 DG DG A . n 
A 1 12 DC 12 12 12 DC DC A . n 
A 1 13 DC 13 13 13 DC DC A . n 
A 1 14 DC 14 14 14 DC DC A . n 
A 1 15 DC 15 15 15 DC DC A . n 
A 1 16 DA 16 16 16 DA DA A . n 
A 1 17 DC 17 17 17 DC DC A . n 
A 1 18 DC 18 18 18 DC DC A . n 
# 
loop_
_pdbx_nonpoly_scheme.asym_id 
_pdbx_nonpoly_scheme.entity_id 
_pdbx_nonpoly_scheme.mon_id 
_pdbx_nonpoly_scheme.ndb_seq_num 
_pdbx_nonpoly_scheme.pdb_seq_num 
_pdbx_nonpoly_scheme.auth_seq_num 
_pdbx_nonpoly_scheme.pdb_mon_id 
_pdbx_nonpoly_scheme.auth_mon_id 
_pdbx_nonpoly_scheme.pdb_strand_id 
_pdbx_nonpoly_scheme.pdb_ins_code 
B 2 SR 1 101 102 SR SR A . 
C 2 SR 1 102 1   SR SR A . 
# 
loop_
_software.citation_id 
_software.classification 
_software.compiler_name 
_software.compiler_version 
_software.contact_author 
_software.contact_author_email 
_software.date 
_software.description 
_software.dependencies 
_software.hardware 
_software.language 
_software.location 
_software.mods 
_software.name 
_software.os 
_software.os_version 
_software.type 
_software.version 
_software.pdbx_ordinal 
? refinement       ? ? ? ? ? ? ? ? ? ? ? PHENIX  ? ? ? 1.19.2_4158 1 
? 'data reduction' ? ? ? ? ? ? ? ? ? ? ? XDS     ? ? ? .           2 
? 'data scaling'   ? ? ? ? ? ? ? ? ? ? ? Aimless ? ? ? .           3 
? phasing          ? ? ? ? ? ? ? ? ? ? ? PHASER  ? ? ? .           4 
# 
_cell.angle_alpha                  90.000 
_cell.angle_alpha_esd              ? 
_cell.angle_beta                   90.000 
_cell.angle_beta_esd               ? 
_cell.angle_gamma                  90.000 
_cell.angle_gamma_esd              ? 
_cell.entry_id                     7Z7Y 
_cell.details                      ? 
_cell.formula_units_Z              ? 
_cell.length_a                     37.695 
_cell.length_a_esd                 ? 
_cell.length_b                     37.695 
_cell.length_b_esd                 ? 
_cell.length_c                     89.720 
_cell.length_c_esd                 ? 
_cell.volume                       127484.317 
_cell.volume_esd                   ? 
_cell.Z_PDB                        8 
_cell.reciprocal_angle_alpha       ? 
_cell.reciprocal_angle_beta        ? 
_cell.reciprocal_angle_gamma       ? 
_cell.reciprocal_angle_alpha_esd   ? 
_cell.reciprocal_angle_beta_esd    ? 
_cell.reciprocal_angle_gamma_esd   ? 
_cell.reciprocal_length_a          ? 
_cell.reciprocal_length_b          ? 
_cell.reciprocal_length_c          ? 
_cell.reciprocal_length_a_esd      ? 
_cell.reciprocal_length_b_esd      ? 
_cell.reciprocal_length_c_esd      ? 
_cell.pdbx_unique_axis             ? 
# 
_symmetry.entry_id                         7Z7Y 
_symmetry.cell_setting                     ? 
_symmetry.Int_Tables_number                96 
_symmetry.space_group_name_Hall            'P 4nw 2abw' 
_symmetry.space_group_name_H-M             'P 43 21 2' 
_symmetry.pdbx_full_space_group_name_H-M   ? 
# 
_exptl.absorpt_coefficient_mu     ? 
_exptl.absorpt_correction_T_max   ? 
_exptl.absorpt_correction_T_min   ? 
_exptl.absorpt_correction_type    ? 
_exptl.absorpt_process_details    ? 
_exptl.entry_id                   7Z7Y 
_exptl.crystals_number            1 
_exptl.details                    ? 
_exptl.method                     'X-RAY DIFFRACTION' 
_exptl.method_details             ? 
# 
_exptl_crystal.colour                      ? 
_exptl_crystal.density_diffrn              ? 
_exptl_crystal.density_Matthews            2.88 
_exptl_crystal.density_method              ? 
_exptl_crystal.density_percent_sol         57.28 
_exptl_crystal.description                 ? 
_exptl_crystal.F_000                       ? 
_exptl_crystal.id                          1 
_exptl_crystal.preparation                 ? 
_exptl_crystal.size_max                    ? 
_exptl_crystal.size_mid                    ? 
_exptl_crystal.size_min                    ? 
_exptl_crystal.size_rad                    ? 
_exptl_crystal.colour_lustre               ? 
_exptl_crystal.colour_modifier             ? 
_exptl_crystal.colour_primary              ? 
_exptl_crystal.density_meas                ? 
_exptl_crystal.density_meas_esd            ? 
_exptl_crystal.density_meas_gt             ? 
_exptl_crystal.density_meas_lt             ? 
_exptl_crystal.density_meas_temp           ? 
_exptl_crystal.density_meas_temp_esd       ? 
_exptl_crystal.density_meas_temp_gt        ? 
_exptl_crystal.density_meas_temp_lt        ? 
_exptl_crystal.pdbx_crystal_image_url      ? 
_exptl_crystal.pdbx_crystal_image_format   ? 
_exptl_crystal.pdbx_mosaicity              ? 
_exptl_crystal.pdbx_mosaicity_esd          ? 
# 
_exptl_crystal_grow.apparatus       ? 
_exptl_crystal_grow.atmosphere      ? 
_exptl_crystal_grow.crystal_id      1 
_exptl_crystal_grow.details         ? 
_exptl_crystal_grow.method          'VAPOR DIFFUSION, HANGING DROP' 
_exptl_crystal_grow.method_ref      ? 
_exptl_crystal_grow.pH              6.5 
_exptl_crystal_grow.pressure        ? 
_exptl_crystal_grow.pressure_esd    ? 
_exptl_crystal_grow.seeding         ? 
_exptl_crystal_grow.seeding_ref     ? 
_exptl_crystal_grow.temp            293 
_exptl_crystal_grow.temp_details    ? 
_exptl_crystal_grow.temp_esd        ? 
_exptl_crystal_grow.time            ? 
_exptl_crystal_grow.pdbx_details    
;Natrix crystallization screen (Hampton Research)
precipitant 16-20% (+/-)-2-Methyl-2,4-pentanediol
buffer 0.04 M Sodium cacodylate trihydrate
salt 0.08 M Magnezium chloride hexahydrate
0.04 M Strontium chloride hexahydrate
additive 0.01 M spermine tetrahydrochloride
;
_exptl_crystal_grow.pdbx_pH_range   ? 
# 
_diffrn.ambient_environment              ? 
_diffrn.ambient_temp                     100 
_diffrn.ambient_temp_details             ? 
_diffrn.ambient_temp_esd                 ? 
_diffrn.crystal_id                       1 
_diffrn.crystal_support                  ? 
_diffrn.crystal_treatment                ? 
_diffrn.details                          ? 
_diffrn.id                               1 
_diffrn.ambient_pressure                 ? 
_diffrn.ambient_pressure_esd             ? 
_diffrn.ambient_pressure_gt              ? 
_diffrn.ambient_pressure_lt              ? 
_diffrn.ambient_temp_gt                  ? 
_diffrn.ambient_temp_lt                  ? 
_diffrn.pdbx_serial_crystal_experiment   N 
# 
_diffrn_detector.details                      ? 
_diffrn_detector.detector                     PIXEL 
_diffrn_detector.diffrn_id                    1 
_diffrn_detector.type                         'DECTRIS PILATUS 6M' 
_diffrn_detector.area_resol_mean              ? 
_diffrn_detector.dtime                        ? 
_diffrn_detector.pdbx_frames_total            ? 
_diffrn_detector.pdbx_collection_time_total   ? 
_diffrn_detector.pdbx_collection_date         2021-04-12 
_diffrn_detector.pdbx_frequency               ? 
# 
_diffrn_radiation.collimation                      ? 
_diffrn_radiation.diffrn_id                        1 
_diffrn_radiation.filter_edge                      ? 
_diffrn_radiation.inhomogeneity                    ? 
_diffrn_radiation.monochromator                    'Si (111)' 
_diffrn_radiation.polarisn_norm                    ? 
_diffrn_radiation.polarisn_ratio                   ? 
_diffrn_radiation.probe                            ? 
_diffrn_radiation.type                             ? 
_diffrn_radiation.xray_symbol                      ? 
_diffrn_radiation.wavelength_id                    1 
_diffrn_radiation.pdbx_monochromatic_or_laue_m_l   M 
_diffrn_radiation.pdbx_wavelength_list             ? 
_diffrn_radiation.pdbx_wavelength                  ? 
_diffrn_radiation.pdbx_diffrn_protocol             'SINGLE WAVELENGTH' 
_diffrn_radiation.pdbx_analyzer                    ? 
_diffrn_radiation.pdbx_scattering_type             x-ray 
# 
_diffrn_radiation_wavelength.id           1 
_diffrn_radiation_wavelength.wavelength   0.9184 
_diffrn_radiation_wavelength.wt           1.0 
# 
_diffrn_source.current                     ? 
_diffrn_source.details                     ? 
_diffrn_source.diffrn_id                   1 
_diffrn_source.power                       ? 
_diffrn_source.size                        ? 
_diffrn_source.source                      SYNCHROTRON 
_diffrn_source.target                      ? 
_diffrn_source.type                        'BESSY BEAMLINE 14.1' 
_diffrn_source.voltage                     ? 
_diffrn_source.take-off_angle              ? 
_diffrn_source.pdbx_wavelength_list        0.9184 
_diffrn_source.pdbx_wavelength             ? 
_diffrn_source.pdbx_synchrotron_beamline   14.1 
_diffrn_source.pdbx_synchrotron_site       BESSY 
# 
_reflns.B_iso_Wilson_estimate                          83.56 
_reflns.entry_id                                       7Z7Y 
_reflns.data_reduction_details                         ? 
_reflns.data_reduction_method                          ? 
_reflns.d_resolution_high                              2.50 
_reflns.d_resolution_low                               44.86 
_reflns.details                                        ? 
_reflns.limit_h_max                                    ? 
_reflns.limit_h_min                                    ? 
_reflns.limit_k_max                                    ? 
_reflns.limit_k_min                                    ? 
_reflns.limit_l_max                                    ? 
_reflns.limit_l_min                                    ? 
_reflns.number_all                                     ? 
_reflns.number_obs                                     2556 
_reflns.observed_criterion                             ? 
_reflns.observed_criterion_F_max                       ? 
_reflns.observed_criterion_F_min                       ? 
_reflns.observed_criterion_I_max                       ? 
_reflns.observed_criterion_I_min                       ? 
_reflns.observed_criterion_sigma_F                     ? 
_reflns.observed_criterion_sigma_I                     ? 
_reflns.percent_possible_obs                           99.9 
_reflns.R_free_details                                 ? 
_reflns.Rmerge_F_all                                   ? 
_reflns.Rmerge_F_obs                                   ? 
_reflns.Friedel_coverage                               ? 
_reflns.number_gt                                      ? 
_reflns.threshold_expression                           ? 
_reflns.pdbx_redundancy                                23.2 
_reflns.pdbx_Rmerge_I_obs                              0.039 
_reflns.pdbx_Rmerge_I_all                              ? 
_reflns.pdbx_Rsym_value                                ? 
_reflns.pdbx_netI_over_av_sigmaI                       ? 
_reflns.pdbx_netI_over_sigmaI                          31.2 
_reflns.pdbx_res_netI_over_av_sigmaI_2                 ? 
_reflns.pdbx_res_netI_over_sigmaI_2                    ? 
_reflns.pdbx_chi_squared                               1.19 
_reflns.pdbx_scaling_rejects                           ? 
_reflns.pdbx_d_res_high_opt                            ? 
_reflns.pdbx_d_res_low_opt                             ? 
_reflns.pdbx_d_res_opt_method                          ? 
_reflns.phase_calculation_details                      ? 
_reflns.pdbx_Rrim_I_all                                0.040 
_reflns.pdbx_Rpim_I_all                                0.009 
_reflns.pdbx_d_opt                                     ? 
_reflns.pdbx_number_measured_all                       ? 
_reflns.pdbx_diffrn_id                                 1 
_reflns.pdbx_ordinal                                   1 
_reflns.pdbx_CC_half                                   1.000 
_reflns.pdbx_CC_star                                   ? 
_reflns.pdbx_R_split                                   ? 
_reflns.pdbx_aniso_diffraction_limit_axis_1_ortho[1]   ? 
_reflns.pdbx_aniso_diffraction_limit_axis_1_ortho[2]   ? 
_reflns.pdbx_aniso_diffraction_limit_axis_1_ortho[3]   ? 
_reflns.pdbx_aniso_diffraction_limit_axis_2_ortho[1]   ? 
_reflns.pdbx_aniso_diffraction_limit_axis_2_ortho[2]   ? 
_reflns.pdbx_aniso_diffraction_limit_axis_2_ortho[3]   ? 
_reflns.pdbx_aniso_diffraction_limit_axis_3_ortho[1]   ? 
_reflns.pdbx_aniso_diffraction_limit_axis_3_ortho[2]   ? 
_reflns.pdbx_aniso_diffraction_limit_axis_3_ortho[3]   ? 
_reflns.pdbx_aniso_diffraction_limit_1                 ? 
_reflns.pdbx_aniso_diffraction_limit_2                 ? 
_reflns.pdbx_aniso_diffraction_limit_3                 ? 
_reflns.pdbx_aniso_B_tensor_eigenvector_1_ortho[1]     ? 
_reflns.pdbx_aniso_B_tensor_eigenvector_1_ortho[2]     ? 
_reflns.pdbx_aniso_B_tensor_eigenvector_1_ortho[3]     ? 
_reflns.pdbx_aniso_B_tensor_eigenvector_2_ortho[1]     ? 
_reflns.pdbx_aniso_B_tensor_eigenvector_2_ortho[2]     ? 
_reflns.pdbx_aniso_B_tensor_eigenvector_2_ortho[3]     ? 
_reflns.pdbx_aniso_B_tensor_eigenvector_3_ortho[1]     ? 
_reflns.pdbx_aniso_B_tensor_eigenvector_3_ortho[2]     ? 
_reflns.pdbx_aniso_B_tensor_eigenvector_3_ortho[3]     ? 
_reflns.pdbx_aniso_B_tensor_eigenvalue_1               ? 
_reflns.pdbx_aniso_B_tensor_eigenvalue_2               ? 
_reflns.pdbx_aniso_B_tensor_eigenvalue_3               ? 
_reflns.pdbx_orthogonalization_convention              ? 
_reflns.pdbx_percent_possible_ellipsoidal              ? 
_reflns.pdbx_percent_possible_spherical                ? 
_reflns.pdbx_percent_possible_ellipsoidal_anomalous    ? 
_reflns.pdbx_percent_possible_spherical_anomalous      ? 
_reflns.pdbx_redundancy_anomalous                      ? 
_reflns.pdbx_CC_half_anomalous                         ? 
_reflns.pdbx_absDiff_over_sigma_anomalous              ? 
_reflns.pdbx_percent_possible_anomalous                ? 
_reflns.pdbx_observed_signal_threshold                 ? 
_reflns.pdbx_signal_type                               ? 
_reflns.pdbx_signal_details                            ? 
_reflns.pdbx_signal_software_id                        ? 
# 
_reflns_shell.d_res_high                                    2.50 
_reflns_shell.d_res_low                                     2.61 
_reflns_shell.meanI_over_sigI_all                           ? 
_reflns_shell.meanI_over_sigI_obs                           4.7 
_reflns_shell.number_measured_all                           ? 
_reflns_shell.number_measured_obs                           ? 
_reflns_shell.number_possible                               ? 
_reflns_shell.number_unique_all                             ? 
_reflns_shell.number_unique_obs                             288 
_reflns_shell.percent_possible_all                          100.0 
_reflns_shell.percent_possible_obs                          ? 
_reflns_shell.Rmerge_F_all                                  ? 
_reflns_shell.Rmerge_F_obs                                  ? 
_reflns_shell.Rmerge_I_all                                  ? 
_reflns_shell.Rmerge_I_obs                                  1.190 
_reflns_shell.meanI_over_sigI_gt                            ? 
_reflns_shell.meanI_over_uI_all                             ? 
_reflns_shell.meanI_over_uI_gt                              ? 
_reflns_shell.number_measured_gt                            ? 
_reflns_shell.number_unique_gt                              ? 
_reflns_shell.percent_possible_gt                           ? 
_reflns_shell.Rmerge_F_gt                                   ? 
_reflns_shell.Rmerge_I_gt                                   ? 
_reflns_shell.pdbx_redundancy                               25.5 
_reflns_shell.pdbx_Rsym_value                               ? 
_reflns_shell.pdbx_chi_squared                              1.64 
_reflns_shell.pdbx_netI_over_sigmaI_all                     ? 
_reflns_shell.pdbx_netI_over_sigmaI_obs                     ? 
_reflns_shell.pdbx_Rrim_I_all                               1.214 
_reflns_shell.pdbx_Rpim_I_all                               0.235 
_reflns_shell.pdbx_rejects                                  ? 
_reflns_shell.pdbx_ordinal                                  1 
_reflns_shell.pdbx_diffrn_id                                1 
_reflns_shell.pdbx_CC_half                                  0.908 
_reflns_shell.pdbx_CC_star                                  ? 
_reflns_shell.pdbx_R_split                                  ? 
_reflns_shell.pdbx_percent_possible_ellipsoidal             ? 
_reflns_shell.pdbx_percent_possible_spherical               ? 
_reflns_shell.pdbx_percent_possible_ellipsoidal_anomalous   ? 
_reflns_shell.pdbx_percent_possible_spherical_anomalous     ? 
_reflns_shell.pdbx_redundancy_anomalous                     ? 
_reflns_shell.pdbx_CC_half_anomalous                        ? 
_reflns_shell.pdbx_absDiff_over_sigma_anomalous             ? 
_reflns_shell.pdbx_percent_possible_anomalous               ? 
# 
_refine.aniso_B[1][1]                            ? 
_refine.aniso_B[1][2]                            ? 
_refine.aniso_B[1][3]                            ? 
_refine.aniso_B[2][2]                            ? 
_refine.aniso_B[2][3]                            ? 
_refine.aniso_B[3][3]                            ? 
_refine.B_iso_max                                ? 
_refine.B_iso_mean                               83.73 
_refine.B_iso_min                                ? 
_refine.correlation_coeff_Fo_to_Fc               ? 
_refine.correlation_coeff_Fo_to_Fc_free          ? 
_refine.details                                  ? 
_refine.diff_density_max                         ? 
_refine.diff_density_max_esd                     ? 
_refine.diff_density_min                         ? 
_refine.diff_density_min_esd                     ? 
_refine.diff_density_rms                         ? 
_refine.diff_density_rms_esd                     ? 
_refine.entry_id                                 7Z7Y 
_refine.pdbx_refine_id                           'X-RAY DIFFRACTION' 
_refine.ls_abs_structure_details                 ? 
_refine.ls_abs_structure_Flack                   ? 
_refine.ls_abs_structure_Flack_esd               ? 
_refine.ls_abs_structure_Rogers                  ? 
_refine.ls_abs_structure_Rogers_esd              ? 
_refine.ls_d_res_high                            2.70 
_refine.ls_d_res_low                             34.75 
_refine.ls_extinction_coef                       ? 
_refine.ls_extinction_coef_esd                   ? 
_refine.ls_extinction_expression                 ? 
_refine.ls_extinction_method                     ? 
_refine.ls_goodness_of_fit_all                   ? 
_refine.ls_goodness_of_fit_all_esd               ? 
_refine.ls_goodness_of_fit_obs                   ? 
_refine.ls_goodness_of_fit_obs_esd               ? 
_refine.ls_hydrogen_treatment                    ? 
_refine.ls_matrix_type                           ? 
_refine.ls_number_constraints                    ? 
_refine.ls_number_parameters                     ? 
_refine.ls_number_reflns_all                     ? 
_refine.ls_number_reflns_obs                     2027 
_refine.ls_number_reflns_R_free                  114 
_refine.ls_number_reflns_R_work                  0 
_refine.ls_number_restraints                     ? 
_refine.ls_percent_reflns_obs                    99.85 
_refine.ls_percent_reflns_R_free                 5.6 
_refine.ls_R_factor_all                          ? 
_refine.ls_R_factor_obs                          0.2719 
_refine.ls_R_factor_R_free                       0.3193 
_refine.ls_R_factor_R_free_error                 ? 
_refine.ls_R_factor_R_free_error_details         ? 
_refine.ls_R_factor_R_work                       0.2582 
_refine.ls_R_Fsqd_factor_obs                     ? 
_refine.ls_R_I_factor_obs                        ? 
_refine.ls_redundancy_reflns_all                 ? 
_refine.ls_redundancy_reflns_obs                 ? 
_refine.ls_restrained_S_all                      ? 
_refine.ls_restrained_S_obs                      ? 
_refine.ls_shift_over_esd_max                    ? 
_refine.ls_shift_over_esd_mean                   ? 
_refine.ls_structure_factor_coef                 ? 
_refine.ls_weighting_details                     ? 
_refine.ls_weighting_scheme                      ? 
_refine.ls_wR_factor_all                         ? 
_refine.ls_wR_factor_obs                         ? 
_refine.ls_wR_factor_R_free                      ? 
_refine.ls_wR_factor_R_work                      ? 
_refine.occupancy_max                            ? 
_refine.occupancy_min                            ? 
_refine.solvent_model_details                    'FLAT BULK SOLVENT MODEL' 
_refine.solvent_model_param_bsol                 ? 
_refine.solvent_model_param_ksol                 ? 
_refine.pdbx_R_complete                          ? 
_refine.ls_R_factor_gt                           ? 
_refine.ls_goodness_of_fit_gt                    ? 
_refine.ls_goodness_of_fit_ref                   ? 
_refine.ls_shift_over_su_max                     ? 
_refine.ls_shift_over_su_max_lt                  ? 
_refine.ls_shift_over_su_mean                    ? 
_refine.ls_shift_over_su_mean_lt                 ? 
_refine.pdbx_ls_sigma_I                          ? 
_refine.pdbx_ls_sigma_F                          1.34 
_refine.pdbx_ls_sigma_Fsqd                       ? 
_refine.pdbx_data_cutoff_high_absF               ? 
_refine.pdbx_data_cutoff_high_rms_absF           ? 
_refine.pdbx_data_cutoff_low_absF                ? 
_refine.pdbx_isotropic_thermal_model             ? 
_refine.pdbx_ls_cross_valid_method               'FREE R-VALUE' 
_refine.pdbx_method_to_determine_struct          'MOLECULAR REPLACEMENT' 
_refine.pdbx_starting_model                      6ROS 
_refine.pdbx_stereochemistry_target_values       'GeoStd + Monomer Library + CDL v1.2' 
_refine.pdbx_R_Free_selection_details            Random 
_refine.pdbx_stereochem_target_val_spec_case     ? 
_refine.pdbx_overall_ESU_R                       ? 
_refine.pdbx_overall_ESU_R_Free                  ? 
_refine.pdbx_solvent_vdw_probe_radii             1.1100 
_refine.pdbx_solvent_ion_probe_radii             ? 
_refine.pdbx_solvent_shrinkage_radii             0.9000 
_refine.pdbx_real_space_R                        ? 
_refine.pdbx_density_correlation                 ? 
_refine.pdbx_pd_number_of_powder_patterns        ? 
_refine.pdbx_pd_number_of_points                 ? 
_refine.pdbx_pd_meas_number_of_points            ? 
_refine.pdbx_pd_proc_ls_prof_R_factor            ? 
_refine.pdbx_pd_proc_ls_prof_wR_factor           ? 
_refine.pdbx_pd_Marquardt_correlation_coeff      ? 
_refine.pdbx_pd_Fsqrd_R_factor                   ? 
_refine.pdbx_pd_ls_matrix_band_width             ? 
_refine.pdbx_overall_phase_error                 34.3545 
_refine.pdbx_overall_SU_R_free_Cruickshank_DPI   ? 
_refine.pdbx_overall_SU_R_free_Blow_DPI          ? 
_refine.pdbx_overall_SU_R_Blow_DPI               ? 
_refine.pdbx_TLS_residual_ADP_flag               ? 
_refine.pdbx_diffrn_id                           1 
_refine.overall_SU_B                             ? 
_refine.overall_SU_ML                            0.4606 
_refine.overall_SU_R_Cruickshank_DPI             ? 
_refine.overall_SU_R_free                        ? 
_refine.overall_FOM_free_R_set                   ? 
_refine.overall_FOM_work_R_set                   ? 
_refine.pdbx_average_fsc_overall                 ? 
_refine.pdbx_average_fsc_work                    ? 
_refine.pdbx_average_fsc_free                    ? 
# 
_refine_hist.pdbx_refine_id                   'X-RAY DIFFRACTION' 
_refine_hist.cycle_id                         LAST 
_refine_hist.details                          ? 
_refine_hist.d_res_high                       2.70 
_refine_hist.d_res_low                        34.75 
_refine_hist.number_atoms_solvent             0 
_refine_hist.number_atoms_total               369 
_refine_hist.number_reflns_all                ? 
_refine_hist.number_reflns_obs                ? 
_refine_hist.number_reflns_R_free             ? 
_refine_hist.number_reflns_R_work             ? 
_refine_hist.R_factor_all                     ? 
_refine_hist.R_factor_obs                     ? 
_refine_hist.R_factor_R_free                  ? 
_refine_hist.R_factor_R_work                  ? 
_refine_hist.pdbx_number_residues_total       ? 
_refine_hist.pdbx_B_iso_mean_ligand           ? 
_refine_hist.pdbx_B_iso_mean_solvent          ? 
_refine_hist.pdbx_number_atoms_protein        0 
_refine_hist.pdbx_number_atoms_nucleic_acid   367 
_refine_hist.pdbx_number_atoms_ligand         2 
_refine_hist.pdbx_number_atoms_lipid          ? 
_refine_hist.pdbx_number_atoms_carb           ? 
_refine_hist.pdbx_pseudo_atom_details         ? 
# 
loop_
_refine_ls_restr.pdbx_refine_id 
_refine_ls_restr.criterion 
_refine_ls_restr.dev_ideal 
_refine_ls_restr.dev_ideal_target 
_refine_ls_restr.number 
_refine_ls_restr.rejects 
_refine_ls_restr.type 
_refine_ls_restr.weight 
_refine_ls_restr.pdbx_restraint_function 
'X-RAY DIFFRACTION' ? 0.0095  ? 411 ? f_bond_d           ? ? 
'X-RAY DIFFRACTION' ? 1.0138  ? 633 ? f_angle_d          ? ? 
'X-RAY DIFFRACTION' ? 0.0559  ? 71  ? f_chiral_restr     ? ? 
'X-RAY DIFFRACTION' ? 0.0071  ? 18  ? f_plane_restr      ? ? 
'X-RAY DIFFRACTION' ? 18.0514 ? 176 ? f_dihedral_angle_d ? ? 
# 
_refine_ls_shell.pdbx_refine_id                   'X-RAY DIFFRACTION' 
_refine_ls_shell.d_res_high                       2.70 
_refine_ls_shell.d_res_low                        2.80 
_refine_ls_shell.number_reflns_all                ? 
_refine_ls_shell.number_reflns_obs                ? 
_refine_ls_shell.number_reflns_R_free             15 
_refine_ls_shell.number_reflns_R_work             178 
_refine_ls_shell.percent_reflns_obs               100.00 
_refine_ls_shell.percent_reflns_R_free            8.43 
_refine_ls_shell.R_factor_all                     ? 
_refine_ls_shell.R_factor_obs                     ? 
_refine_ls_shell.R_factor_R_free                  0.4727 
_refine_ls_shell.R_factor_R_free_error            ? 
_refine_ls_shell.R_factor_R_work                  0.4440 
_refine_ls_shell.redundancy_reflns_all            ? 
_refine_ls_shell.redundancy_reflns_obs            ? 
_refine_ls_shell.wR_factor_all                    ? 
_refine_ls_shell.wR_factor_obs                    ? 
_refine_ls_shell.wR_factor_R_free                 ? 
_refine_ls_shell.wR_factor_R_work                 ? 
_refine_ls_shell.pdbx_R_complete                  ? 
_refine_ls_shell.pdbx_total_number_of_bins_used   ? 
_refine_ls_shell.pdbx_phase_error                 ? 
_refine_ls_shell.pdbx_fsc_work                    ? 
_refine_ls_shell.pdbx_fsc_free                    ? 
# 
_struct.entry_id                     7Z7Y 
_struct.title                        'REP-related Chom18 variant with double GT mismatch' 
_struct.pdbx_model_details           ? 
_struct.pdbx_formula_weight          ? 
_struct.pdbx_formula_weight_method   ? 
_struct.pdbx_model_type_details      ? 
_struct.pdbx_CASP_flag               N 
# 
_struct_keywords.entry_id        7Z7Y 
_struct_keywords.text            'Mismatch, Non-canonical, Base pair, Double helix, DNA' 
_struct_keywords.pdbx_keywords   DNA 
# 
loop_
_struct_asym.id 
_struct_asym.pdbx_blank_PDB_chainid_flag 
_struct_asym.pdbx_modified 
_struct_asym.entity_id 
_struct_asym.details 
A N N 1 ? 
B N N 2 ? 
C N N 2 ? 
# 
_struct_ref.id                         1 
_struct_ref.db_name                    PDB 
_struct_ref.db_code                    7Z7Y 
_struct_ref.pdbx_db_accession          7Z7Y 
_struct_ref.pdbx_db_isoform            ? 
_struct_ref.entity_id                  1 
_struct_ref.pdbx_seq_one_letter_code   ? 
_struct_ref.pdbx_align_begin           1 
# 
_struct_ref_seq.align_id                      1 
_struct_ref_seq.ref_id                        1 
_struct_ref_seq.pdbx_PDB_id_code              7Z7Y 
_struct_ref_seq.pdbx_strand_id                A 
_struct_ref_seq.seq_align_beg                 1 
_struct_ref_seq.pdbx_seq_align_beg_ins_code   ? 
_struct_ref_seq.seq_align_end                 18 
_struct_ref_seq.pdbx_seq_align_end_ins_code   ? 
_struct_ref_seq.pdbx_db_accession             7Z7Y 
_struct_ref_seq.db_align_beg                  1 
_struct_ref_seq.pdbx_db_align_beg_ins_code    ? 
_struct_ref_seq.db_align_end                  18 
_struct_ref_seq.pdbx_db_align_end_ins_code    ? 
_struct_ref_seq.pdbx_auth_seq_align_beg       1 
_struct_ref_seq.pdbx_auth_seq_align_end       18 
# 
_pdbx_struct_assembly.id                   1 
_pdbx_struct_assembly.details              author_defined_assembly 
_pdbx_struct_assembly.method_details       ? 
_pdbx_struct_assembly.oligomeric_details   dimeric 
_pdbx_struct_assembly.oligomeric_count     2 
# 
loop_
_pdbx_struct_assembly_prop.biol_id 
_pdbx_struct_assembly_prop.type 
_pdbx_struct_assembly_prop.value 
_pdbx_struct_assembly_prop.details 
1 'ABSA (A^2)' 2950 ? 
1 MORE         -178 ? 
1 'SSA (A^2)'  6010 ? 
# 
_pdbx_struct_assembly_gen.assembly_id       1 
_pdbx_struct_assembly_gen.oper_expression   1,2 
_pdbx_struct_assembly_gen.asym_id_list      A,B,C 
# 
_pdbx_struct_assembly_auth_evidence.id                     1 
_pdbx_struct_assembly_auth_evidence.assembly_id            1 
_pdbx_struct_assembly_auth_evidence.experimental_support   none 
_pdbx_struct_assembly_auth_evidence.details                ? 
# 
loop_
_pdbx_struct_oper_list.id 
_pdbx_struct_oper_list.type 
_pdbx_struct_oper_list.name 
_pdbx_struct_oper_list.symmetry_operation 
_pdbx_struct_oper_list.matrix[1][1] 
_pdbx_struct_oper_list.matrix[1][2] 
_pdbx_struct_oper_list.matrix[1][3] 
_pdbx_struct_oper_list.vector[1] 
_pdbx_struct_oper_list.matrix[2][1] 
_pdbx_struct_oper_list.matrix[2][2] 
_pdbx_struct_oper_list.matrix[2][3] 
_pdbx_struct_oper_list.vector[2] 
_pdbx_struct_oper_list.matrix[3][1] 
_pdbx_struct_oper_list.matrix[3][2] 
_pdbx_struct_oper_list.matrix[3][3] 
_pdbx_struct_oper_list.vector[3] 
1 'identity operation'         1_555 x,y,z      1.0000000000  0.0000000000 0.0000000000  0.0000000000  0.0000000000 1.0000000000  0.0000000000  0.0000000000 0.0000000000  0.0000000000  1.0000000000  0.0000000000  
2 'crystal symmetry operation' 7_465 y-1,x+1,-z -0.1057533238 0.9170840147 -0.3844127268 -2.2274115364 0.9170840147 -0.0594954251 -0.3942298878 2.0063907395 -0.3844127268 -0.3942298878 -0.8347512510 -0.3949569770 
# 
loop_
_struct_conn.id 
_struct_conn.conn_type_id 
_struct_conn.pdbx_leaving_atom_flag 
_struct_conn.pdbx_PDB_id 
_struct_conn.ptnr1_label_asym_id 
_struct_conn.ptnr1_label_comp_id 
_struct_conn.ptnr1_label_seq_id 
_struct_conn.ptnr1_label_atom_id 
_struct_conn.pdbx_ptnr1_label_alt_id 
_struct_conn.pdbx_ptnr1_PDB_ins_code 
_struct_conn.pdbx_ptnr1_standard_comp_id 
_struct_conn.ptnr1_symmetry 
_struct_conn.ptnr2_label_asym_id 
_struct_conn.ptnr2_label_comp_id 
_struct_conn.ptnr2_label_seq_id 
_struct_conn.ptnr2_label_atom_id 
_struct_conn.pdbx_ptnr2_label_alt_id 
_struct_conn.pdbx_ptnr2_PDB_ins_code 
_struct_conn.ptnr1_auth_asym_id 
_struct_conn.ptnr1_auth_comp_id 
_struct_conn.ptnr1_auth_seq_id 
_struct_conn.ptnr2_auth_asym_id 
_struct_conn.ptnr2_auth_comp_id 
_struct_conn.ptnr2_auth_seq_id 
_struct_conn.ptnr2_symmetry 
_struct_conn.pdbx_ptnr3_label_atom_id 
_struct_conn.pdbx_ptnr3_label_seq_id 
_struct_conn.pdbx_ptnr3_label_comp_id 
_struct_conn.pdbx_ptnr3_label_asym_id 
_struct_conn.pdbx_ptnr3_label_alt_id 
_struct_conn.pdbx_ptnr3_PDB_ins_code 
_struct_conn.details 
_struct_conn.pdbx_dist_value 
_struct_conn.pdbx_value_order 
_struct_conn.pdbx_role 
metalc1  metalc ? ? A DG 6  O6 ? ? ? 1_555 B SR .  SR ? ? A DG 6  A SR 101 7_465 ? ? ? ? ? ? ?               2.875 ? ? 
metalc2  metalc ? ? A DT 10 O4 ? ? ? 1_555 C SR .  SR ? ? A DT 10 A SR 102 1_555 ? ? ? ? ? ? ?               2.855 ? ? 
hydrog1  hydrog ? ? A DG 1  N1 ? ? ? 1_555 A DC 18 N3 ? ? A DG 1  A DC 18  7_465 ? ? ? ? ? ? WATSON-CRICK    ?     ? ? 
hydrog2  hydrog ? ? A DG 1  N2 ? ? ? 1_555 A DC 18 O2 ? ? A DG 1  A DC 18  7_465 ? ? ? ? ? ? WATSON-CRICK    ?     ? ? 
hydrog3  hydrog ? ? A DG 1  O6 ? ? ? 1_555 A DC 18 N4 ? ? A DG 1  A DC 18  7_465 ? ? ? ? ? ? WATSON-CRICK    ?     ? ? 
hydrog4  hydrog ? ? A DG 2  N1 ? ? ? 1_555 A DC 17 N3 ? ? A DG 2  A DC 17  7_465 ? ? ? ? ? ? WATSON-CRICK    ?     ? ? 
hydrog5  hydrog ? ? A DG 2  N2 ? ? ? 1_555 A DC 17 O2 ? ? A DG 2  A DC 17  7_465 ? ? ? ? ? ? WATSON-CRICK    ?     ? ? 
hydrog6  hydrog ? ? A DG 2  O6 ? ? ? 1_555 A DC 17 N4 ? ? A DG 2  A DC 17  7_465 ? ? ? ? ? ? WATSON-CRICK    ?     ? ? 
hydrog7  hydrog ? ? A DT 3  N3 ? ? ? 1_555 A DA 16 N1 ? ? A DT 3  A DA 16  7_465 ? ? ? ? ? ? WATSON-CRICK    ?     ? ? 
hydrog8  hydrog ? ? A DT 3  O4 ? ? ? 1_555 A DA 16 N6 ? ? A DT 3  A DA 16  7_465 ? ? ? ? ? ? WATSON-CRICK    ?     ? ? 
hydrog9  hydrog ? ? A DG 4  N1 ? ? ? 1_555 A DC 15 N3 ? ? A DG 4  A DC 15  7_465 ? ? ? ? ? ? WATSON-CRICK    ?     ? ? 
hydrog10 hydrog ? ? A DG 4  N2 ? ? ? 1_555 A DC 15 O2 ? ? A DG 4  A DC 15  7_465 ? ? ? ? ? ? WATSON-CRICK    ?     ? ? 
hydrog11 hydrog ? ? A DG 4  O6 ? ? ? 1_555 A DC 15 N4 ? ? A DG 4  A DC 15  7_465 ? ? ? ? ? ? WATSON-CRICK    ?     ? ? 
hydrog12 hydrog ? ? A DG 5  N1 ? ? ? 1_555 A DC 14 N3 ? ? A DG 5  A DC 14  7_465 ? ? ? ? ? ? WATSON-CRICK    ?     ? ? 
hydrog13 hydrog ? ? A DG 5  N2 ? ? ? 1_555 A DC 14 O2 ? ? A DG 5  A DC 14  7_465 ? ? ? ? ? ? WATSON-CRICK    ?     ? ? 
hydrog14 hydrog ? ? A DG 5  O6 ? ? ? 1_555 A DC 14 N4 ? ? A DG 5  A DC 14  7_465 ? ? ? ? ? ? WATSON-CRICK    ?     ? ? 
hydrog15 hydrog ? ? A DG 6  N1 ? ? ? 1_555 A DC 13 N3 ? ? A DG 6  A DC 13  7_465 ? ? ? ? ? ? WATSON-CRICK    ?     ? ? 
hydrog16 hydrog ? ? A DG 6  N2 ? ? ? 1_555 A DC 13 O2 ? ? A DG 6  A DC 13  7_465 ? ? ? ? ? ? WATSON-CRICK    ?     ? ? 
hydrog17 hydrog ? ? A DG 6  O6 ? ? ? 1_555 A DC 13 N4 ? ? A DG 6  A DC 13  7_465 ? ? ? ? ? ? WATSON-CRICK    ?     ? ? 
hydrog18 hydrog ? ? A DG 7  N1 ? ? ? 1_555 A DC 12 N3 ? ? A DG 7  A DC 12  7_465 ? ? ? ? ? ? WATSON-CRICK    ?     ? ? 
hydrog19 hydrog ? ? A DG 7  N2 ? ? ? 1_555 A DC 12 O2 ? ? A DG 7  A DC 12  7_465 ? ? ? ? ? ? WATSON-CRICK    ?     ? ? 
hydrog20 hydrog ? ? A DG 7  O6 ? ? ? 1_555 A DC 12 N4 ? ? A DG 7  A DC 12  7_465 ? ? ? ? ? ? WATSON-CRICK    ?     ? ? 
hydrog21 hydrog ? ? A DC 8  N3 ? ? ? 1_555 A DG 11 N1 ? ? A DC 8  A DG 11  7_465 ? ? ? ? ? ? WATSON-CRICK    ?     ? ? 
hydrog22 hydrog ? ? A DC 8  N4 ? ? ? 1_555 A DG 11 O6 ? ? A DC 8  A DG 11  7_465 ? ? ? ? ? ? WATSON-CRICK    ?     ? ? 
hydrog23 hydrog ? ? A DC 8  O2 ? ? ? 1_555 A DG 11 N2 ? ? A DC 8  A DG 11  7_465 ? ? ? ? ? ? WATSON-CRICK    ?     ? ? 
hydrog24 hydrog ? ? A DG 9  N2 ? ? ? 1_555 A DT 10 O2 ? ? A DG 9  A DT 10  7_465 ? ? ? ? ? ? 'DG-DT MISPAIR' ?     ? ? 
hydrog25 hydrog ? ? A DT 10 O2 ? ? ? 1_555 A DG 9  N2 ? ? A DT 10 A DG 9   7_465 ? ? ? ? ? ? 'DT-DG MISPAIR' ?     ? ? 
hydrog26 hydrog ? ? A DG 11 N1 ? ? ? 1_555 A DC 8  N3 ? ? A DG 11 A DC 8   7_465 ? ? ? ? ? ? WATSON-CRICK    ?     ? ? 
hydrog27 hydrog ? ? A DG 11 N2 ? ? ? 1_555 A DC 8  O2 ? ? A DG 11 A DC 8   7_465 ? ? ? ? ? ? WATSON-CRICK    ?     ? ? 
hydrog28 hydrog ? ? A DG 11 O6 ? ? ? 1_555 A DC 8  N4 ? ? A DG 11 A DC 8   7_465 ? ? ? ? ? ? WATSON-CRICK    ?     ? ? 
hydrog29 hydrog ? ? A DC 12 N3 ? ? ? 1_555 A DG 7  N1 ? ? A DC 12 A DG 7   7_465 ? ? ? ? ? ? WATSON-CRICK    ?     ? ? 
hydrog30 hydrog ? ? A DC 12 N4 ? ? ? 1_555 A DG 7  O6 ? ? A DC 12 A DG 7   7_465 ? ? ? ? ? ? WATSON-CRICK    ?     ? ? 
hydrog31 hydrog ? ? A DC 12 O2 ? ? ? 1_555 A DG 7  N2 ? ? A DC 12 A DG 7   7_465 ? ? ? ? ? ? WATSON-CRICK    ?     ? ? 
hydrog32 hydrog ? ? A DC 13 N3 ? ? ? 1_555 A DG 6  N1 ? ? A DC 13 A DG 6   7_465 ? ? ? ? ? ? WATSON-CRICK    ?     ? ? 
hydrog33 hydrog ? ? A DC 13 N4 ? ? ? 1_555 A DG 6  O6 ? ? A DC 13 A DG 6   7_465 ? ? ? ? ? ? WATSON-CRICK    ?     ? ? 
hydrog34 hydrog ? ? A DC 13 O2 ? ? ? 1_555 A DG 6  N2 ? ? A DC 13 A DG 6   7_465 ? ? ? ? ? ? WATSON-CRICK    ?     ? ? 
hydrog35 hydrog ? ? A DC 14 N3 ? ? ? 1_555 A DG 5  N1 ? ? A DC 14 A DG 5   7_465 ? ? ? ? ? ? WATSON-CRICK    ?     ? ? 
hydrog36 hydrog ? ? A DC 14 N4 ? ? ? 1_555 A DG 5  O6 ? ? A DC 14 A DG 5   7_465 ? ? ? ? ? ? WATSON-CRICK    ?     ? ? 
hydrog37 hydrog ? ? A DC 14 O2 ? ? ? 1_555 A DG 5  N2 ? ? A DC 14 A DG 5   7_465 ? ? ? ? ? ? WATSON-CRICK    ?     ? ? 
hydrog38 hydrog ? ? A DC 15 N3 ? ? ? 1_555 A DG 4  N1 ? ? A DC 15 A DG 4   7_465 ? ? ? ? ? ? WATSON-CRICK    ?     ? ? 
hydrog39 hydrog ? ? A DC 15 N4 ? ? ? 1_555 A DG 4  O6 ? ? A DC 15 A DG 4   7_465 ? ? ? ? ? ? WATSON-CRICK    ?     ? ? 
hydrog40 hydrog ? ? A DC 15 O2 ? ? ? 1_555 A DG 4  N2 ? ? A DC 15 A DG 4   7_465 ? ? ? ? ? ? WATSON-CRICK    ?     ? ? 
hydrog41 hydrog ? ? A DA 16 N1 ? ? ? 1_555 A DT 3  N3 ? ? A DA 16 A DT 3   7_465 ? ? ? ? ? ? WATSON-CRICK    ?     ? ? 
hydrog42 hydrog ? ? A DA 16 N6 ? ? ? 1_555 A DT 3  O4 ? ? A DA 16 A DT 3   7_465 ? ? ? ? ? ? WATSON-CRICK    ?     ? ? 
hydrog43 hydrog ? ? A DC 17 N3 ? ? ? 1_555 A DG 2  N1 ? ? A DC 17 A DG 2   7_465 ? ? ? ? ? ? WATSON-CRICK    ?     ? ? 
hydrog44 hydrog ? ? A DC 17 N4 ? ? ? 1_555 A DG 2  O6 ? ? A DC 17 A DG 2   7_465 ? ? ? ? ? ? WATSON-CRICK    ?     ? ? 
hydrog45 hydrog ? ? A DC 17 O2 ? ? ? 1_555 A DG 2  N2 ? ? A DC 17 A DG 2   7_465 ? ? ? ? ? ? WATSON-CRICK    ?     ? ? 
hydrog46 hydrog ? ? A DC 18 N3 ? ? ? 1_555 A DG 1  N1 ? ? A DC 18 A DG 1   7_465 ? ? ? ? ? ? WATSON-CRICK    ?     ? ? 
hydrog47 hydrog ? ? A DC 18 N4 ? ? ? 1_555 A DG 1  O6 ? ? A DC 18 A DG 1   7_465 ? ? ? ? ? ? WATSON-CRICK    ?     ? ? 
hydrog48 hydrog ? ? A DC 18 O2 ? ? ? 1_555 A DG 1  N2 ? ? A DC 18 A DG 1   7_465 ? ? ? ? ? ? WATSON-CRICK    ?     ? ? 
# 
loop_
_struct_conn_type.id 
_struct_conn_type.criteria 
_struct_conn_type.reference 
metalc ? ? 
hydrog ? ? 
# 
_pdbx_validate_rmsd_bond.id                        1 
_pdbx_validate_rmsd_bond.PDB_model_num             1 
_pdbx_validate_rmsd_bond.auth_atom_id_1            "O3'" 
_pdbx_validate_rmsd_bond.auth_asym_id_1            A 
_pdbx_validate_rmsd_bond.auth_comp_id_1            DC 
_pdbx_validate_rmsd_bond.auth_seq_id_1             15 
_pdbx_validate_rmsd_bond.PDB_ins_code_1            ? 
_pdbx_validate_rmsd_bond.label_alt_id_1            ? 
_pdbx_validate_rmsd_bond.auth_atom_id_2            "C3'" 
_pdbx_validate_rmsd_bond.auth_asym_id_2            A 
_pdbx_validate_rmsd_bond.auth_comp_id_2            DC 
_pdbx_validate_rmsd_bond.auth_seq_id_2             15 
_pdbx_validate_rmsd_bond.PDB_ins_code_2            ? 
_pdbx_validate_rmsd_bond.label_alt_id_2            ? 
_pdbx_validate_rmsd_bond.bond_value                1.383 
_pdbx_validate_rmsd_bond.bond_target_value         1.419 
_pdbx_validate_rmsd_bond.bond_deviation            -0.036 
_pdbx_validate_rmsd_bond.bond_standard_deviation   0.006 
_pdbx_validate_rmsd_bond.linker_flag               N 
# 
loop_
_pdbx_validate_rmsd_angle.id 
_pdbx_validate_rmsd_angle.PDB_model_num 
_pdbx_validate_rmsd_angle.auth_atom_id_1 
_pdbx_validate_rmsd_angle.auth_asym_id_1 
_pdbx_validate_rmsd_angle.auth_comp_id_1 
_pdbx_validate_rmsd_angle.auth_seq_id_1 
_pdbx_validate_rmsd_angle.PDB_ins_code_1 
_pdbx_validate_rmsd_angle.label_alt_id_1 
_pdbx_validate_rmsd_angle.auth_atom_id_2 
_pdbx_validate_rmsd_angle.auth_asym_id_2 
_pdbx_validate_rmsd_angle.auth_comp_id_2 
_pdbx_validate_rmsd_angle.auth_seq_id_2 
_pdbx_validate_rmsd_angle.PDB_ins_code_2 
_pdbx_validate_rmsd_angle.label_alt_id_2 
_pdbx_validate_rmsd_angle.auth_atom_id_3 
_pdbx_validate_rmsd_angle.auth_asym_id_3 
_pdbx_validate_rmsd_angle.auth_comp_id_3 
_pdbx_validate_rmsd_angle.auth_seq_id_3 
_pdbx_validate_rmsd_angle.PDB_ins_code_3 
_pdbx_validate_rmsd_angle.label_alt_id_3 
_pdbx_validate_rmsd_angle.angle_value 
_pdbx_validate_rmsd_angle.angle_target_value 
_pdbx_validate_rmsd_angle.angle_deviation 
_pdbx_validate_rmsd_angle.angle_standard_deviation 
_pdbx_validate_rmsd_angle.linker_flag 
1 1 "O4'" A DT 3 ? ? "C1'" A DT 3 ? ? N1    A DT 3 ? ? 111.22 108.30 2.92  0.30 N 
2 1 "O4'" A DC 8 ? ? "C4'" A DC 8 ? ? "C3'" A DC 8 ? ? 102.03 104.50 -2.47 0.40 N 
3 1 "O4'" A DC 8 ? ? "C1'" A DC 8 ? ? N1    A DC 8 ? ? 110.26 108.30 1.96  0.30 N 
# 
loop_
_space_group_symop.id 
_space_group_symop.operation_xyz 
1 x,y,z               
2 -y+1/2,x+1/2,z+3/4  
3 y+1/2,-x+1/2,z+1/4  
4 x+1/2,-y+1/2,-z+1/4 
5 -x+1/2,y+1/2,-z+3/4 
6 -x,-y,z+1/2         
7 y,x,-z              
8 -y,-x,-z+1/2        
# 
_pdbx_entry_details.entry_id                 7Z7Y 
_pdbx_entry_details.has_ligand_of_interest   N 
_pdbx_entry_details.compound_details         ? 
_pdbx_entry_details.source_details           ? 
_pdbx_entry_details.nonpolymer_details       ? 
_pdbx_entry_details.sequence_details         ? 
# 
loop_
_chem_comp_atom.comp_id 
_chem_comp_atom.atom_id 
_chem_comp_atom.type_symbol 
_chem_comp_atom.pdbx_aromatic_flag 
_chem_comp_atom.pdbx_stereo_config 
_chem_comp_atom.pdbx_ordinal 
DA OP3    O  N N 1   
DA P      P  N N 2   
DA OP1    O  N N 3   
DA OP2    O  N N 4   
DA "O5'"  O  N N 5   
DA "C5'"  C  N N 6   
DA "C4'"  C  N R 7   
DA "O4'"  O  N N 8   
DA "C3'"  C  N S 9   
DA "O3'"  O  N N 10  
DA "C2'"  C  N N 11  
DA "C1'"  C  N R 12  
DA N9     N  Y N 13  
DA C8     C  Y N 14  
DA N7     N  Y N 15  
DA C5     C  Y N 16  
DA C6     C  Y N 17  
DA N6     N  N N 18  
DA N1     N  Y N 19  
DA C2     C  Y N 20  
DA N3     N  Y N 21  
DA C4     C  Y N 22  
DA HOP3   H  N N 23  
DA HOP2   H  N N 24  
DA "H5'"  H  N N 25  
DA "H5''" H  N N 26  
DA "H4'"  H  N N 27  
DA "H3'"  H  N N 28  
DA "HO3'" H  N N 29  
DA "H2'"  H  N N 30  
DA "H2''" H  N N 31  
DA "H1'"  H  N N 32  
DA H8     H  N N 33  
DA H61    H  N N 34  
DA H62    H  N N 35  
DA H2     H  N N 36  
DC OP3    O  N N 37  
DC P      P  N N 38  
DC OP1    O  N N 39  
DC OP2    O  N N 40  
DC "O5'"  O  N N 41  
DC "C5'"  C  N N 42  
DC "C4'"  C  N R 43  
DC "O4'"  O  N N 44  
DC "C3'"  C  N S 45  
DC "O3'"  O  N N 46  
DC "C2'"  C  N N 47  
DC "C1'"  C  N R 48  
DC N1     N  N N 49  
DC C2     C  N N 50  
DC O2     O  N N 51  
DC N3     N  N N 52  
DC C4     C  N N 53  
DC N4     N  N N 54  
DC C5     C  N N 55  
DC C6     C  N N 56  
DC HOP3   H  N N 57  
DC HOP2   H  N N 58  
DC "H5'"  H  N N 59  
DC "H5''" H  N N 60  
DC "H4'"  H  N N 61  
DC "H3'"  H  N N 62  
DC "HO3'" H  N N 63  
DC "H2'"  H  N N 64  
DC "H2''" H  N N 65  
DC "H1'"  H  N N 66  
DC H41    H  N N 67  
DC H42    H  N N 68  
DC H5     H  N N 69  
DC H6     H  N N 70  
DG OP3    O  N N 71  
DG P      P  N N 72  
DG OP1    O  N N 73  
DG OP2    O  N N 74  
DG "O5'"  O  N N 75  
DG "C5'"  C  N N 76  
DG "C4'"  C  N R 77  
DG "O4'"  O  N N 78  
DG "C3'"  C  N S 79  
DG "O3'"  O  N N 80  
DG "C2'"  C  N N 81  
DG "C1'"  C  N R 82  
DG N9     N  Y N 83  
DG C8     C  Y N 84  
DG N7     N  Y N 85  
DG C5     C  Y N 86  
DG C6     C  N N 87  
DG O6     O  N N 88  
DG N1     N  N N 89  
DG C2     C  N N 90  
DG N2     N  N N 91  
DG N3     N  N N 92  
DG C4     C  Y N 93  
DG HOP3   H  N N 94  
DG HOP2   H  N N 95  
DG "H5'"  H  N N 96  
DG "H5''" H  N N 97  
DG "H4'"  H  N N 98  
DG "H3'"  H  N N 99  
DG "HO3'" H  N N 100 
DG "H2'"  H  N N 101 
DG "H2''" H  N N 102 
DG "H1'"  H  N N 103 
DG H8     H  N N 104 
DG H1     H  N N 105 
DG H21    H  N N 106 
DG H22    H  N N 107 
DT OP3    O  N N 108 
DT P      P  N N 109 
DT OP1    O  N N 110 
DT OP2    O  N N 111 
DT "O5'"  O  N N 112 
DT "C5'"  C  N N 113 
DT "C4'"  C  N R 114 
DT "O4'"  O  N N 115 
DT "C3'"  C  N S 116 
DT "O3'"  O  N N 117 
DT "C2'"  C  N N 118 
DT "C1'"  C  N R 119 
DT N1     N  N N 120 
DT C2     C  N N 121 
DT O2     O  N N 122 
DT N3     N  N N 123 
DT C4     C  N N 124 
DT O4     O  N N 125 
DT C5     C  N N 126 
DT C7     C  N N 127 
DT C6     C  N N 128 
DT HOP3   H  N N 129 
DT HOP2   H  N N 130 
DT "H5'"  H  N N 131 
DT "H5''" H  N N 132 
DT "H4'"  H  N N 133 
DT "H3'"  H  N N 134 
DT "HO3'" H  N N 135 
DT "H2'"  H  N N 136 
DT "H2''" H  N N 137 
DT "H1'"  H  N N 138 
DT H3     H  N N 139 
DT H71    H  N N 140 
DT H72    H  N N 141 
DT H73    H  N N 142 
DT H6     H  N N 143 
SR SR     SR N N 144 
# 
loop_
_chem_comp_bond.comp_id 
_chem_comp_bond.atom_id_1 
_chem_comp_bond.atom_id_2 
_chem_comp_bond.value_order 
_chem_comp_bond.pdbx_aromatic_flag 
_chem_comp_bond.pdbx_stereo_config 
_chem_comp_bond.pdbx_ordinal 
DA OP3   P      sing N N 1   
DA OP3   HOP3   sing N N 2   
DA P     OP1    doub N N 3   
DA P     OP2    sing N N 4   
DA P     "O5'"  sing N N 5   
DA OP2   HOP2   sing N N 6   
DA "O5'" "C5'"  sing N N 7   
DA "C5'" "C4'"  sing N N 8   
DA "C5'" "H5'"  sing N N 9   
DA "C5'" "H5''" sing N N 10  
DA "C4'" "O4'"  sing N N 11  
DA "C4'" "C3'"  sing N N 12  
DA "C4'" "H4'"  sing N N 13  
DA "O4'" "C1'"  sing N N 14  
DA "C3'" "O3'"  sing N N 15  
DA "C3'" "C2'"  sing N N 16  
DA "C3'" "H3'"  sing N N 17  
DA "O3'" "HO3'" sing N N 18  
DA "C2'" "C1'"  sing N N 19  
DA "C2'" "H2'"  sing N N 20  
DA "C2'" "H2''" sing N N 21  
DA "C1'" N9     sing N N 22  
DA "C1'" "H1'"  sing N N 23  
DA N9    C8     sing Y N 24  
DA N9    C4     sing Y N 25  
DA C8    N7     doub Y N 26  
DA C8    H8     sing N N 27  
DA N7    C5     sing Y N 28  
DA C5    C6     sing Y N 29  
DA C5    C4     doub Y N 30  
DA C6    N6     sing N N 31  
DA C6    N1     doub Y N 32  
DA N6    H61    sing N N 33  
DA N6    H62    sing N N 34  
DA N1    C2     sing Y N 35  
DA C2    N3     doub Y N 36  
DA C2    H2     sing N N 37  
DA N3    C4     sing Y N 38  
DC OP3   P      sing N N 39  
DC OP3   HOP3   sing N N 40  
DC P     OP1    doub N N 41  
DC P     OP2    sing N N 42  
DC P     "O5'"  sing N N 43  
DC OP2   HOP2   sing N N 44  
DC "O5'" "C5'"  sing N N 45  
DC "C5'" "C4'"  sing N N 46  
DC "C5'" "H5'"  sing N N 47  
DC "C5'" "H5''" sing N N 48  
DC "C4'" "O4'"  sing N N 49  
DC "C4'" "C3'"  sing N N 50  
DC "C4'" "H4'"  sing N N 51  
DC "O4'" "C1'"  sing N N 52  
DC "C3'" "O3'"  sing N N 53  
DC "C3'" "C2'"  sing N N 54  
DC "C3'" "H3'"  sing N N 55  
DC "O3'" "HO3'" sing N N 56  
DC "C2'" "C1'"  sing N N 57  
DC "C2'" "H2'"  sing N N 58  
DC "C2'" "H2''" sing N N 59  
DC "C1'" N1     sing N N 60  
DC "C1'" "H1'"  sing N N 61  
DC N1    C2     sing N N 62  
DC N1    C6     sing N N 63  
DC C2    O2     doub N N 64  
DC C2    N3     sing N N 65  
DC N3    C4     doub N N 66  
DC C4    N4     sing N N 67  
DC C4    C5     sing N N 68  
DC N4    H41    sing N N 69  
DC N4    H42    sing N N 70  
DC C5    C6     doub N N 71  
DC C5    H5     sing N N 72  
DC C6    H6     sing N N 73  
DG OP3   P      sing N N 74  
DG OP3   HOP3   sing N N 75  
DG P     OP1    doub N N 76  
DG P     OP2    sing N N 77  
DG P     "O5'"  sing N N 78  
DG OP2   HOP2   sing N N 79  
DG "O5'" "C5'"  sing N N 80  
DG "C5'" "C4'"  sing N N 81  
DG "C5'" "H5'"  sing N N 82  
DG "C5'" "H5''" sing N N 83  
DG "C4'" "O4'"  sing N N 84  
DG "C4'" "C3'"  sing N N 85  
DG "C4'" "H4'"  sing N N 86  
DG "O4'" "C1'"  sing N N 87  
DG "C3'" "O3'"  sing N N 88  
DG "C3'" "C2'"  sing N N 89  
DG "C3'" "H3'"  sing N N 90  
DG "O3'" "HO3'" sing N N 91  
DG "C2'" "C1'"  sing N N 92  
DG "C2'" "H2'"  sing N N 93  
DG "C2'" "H2''" sing N N 94  
DG "C1'" N9     sing N N 95  
DG "C1'" "H1'"  sing N N 96  
DG N9    C8     sing Y N 97  
DG N9    C4     sing Y N 98  
DG C8    N7     doub Y N 99  
DG C8    H8     sing N N 100 
DG N7    C5     sing Y N 101 
DG C5    C6     sing N N 102 
DG C5    C4     doub Y N 103 
DG C6    O6     doub N N 104 
DG C6    N1     sing N N 105 
DG N1    C2     sing N N 106 
DG N1    H1     sing N N 107 
DG C2    N2     sing N N 108 
DG C2    N3     doub N N 109 
DG N2    H21    sing N N 110 
DG N2    H22    sing N N 111 
DG N3    C4     sing N N 112 
DT OP3   P      sing N N 113 
DT OP3   HOP3   sing N N 114 
DT P     OP1    doub N N 115 
DT P     OP2    sing N N 116 
DT P     "O5'"  sing N N 117 
DT OP2   HOP2   sing N N 118 
DT "O5'" "C5'"  sing N N 119 
DT "C5'" "C4'"  sing N N 120 
DT "C5'" "H5'"  sing N N 121 
DT "C5'" "H5''" sing N N 122 
DT "C4'" "O4'"  sing N N 123 
DT "C4'" "C3'"  sing N N 124 
DT "C4'" "H4'"  sing N N 125 
DT "O4'" "C1'"  sing N N 126 
DT "C3'" "O3'"  sing N N 127 
DT "C3'" "C2'"  sing N N 128 
DT "C3'" "H3'"  sing N N 129 
DT "O3'" "HO3'" sing N N 130 
DT "C2'" "C1'"  sing N N 131 
DT "C2'" "H2'"  sing N N 132 
DT "C2'" "H2''" sing N N 133 
DT "C1'" N1     sing N N 134 
DT "C1'" "H1'"  sing N N 135 
DT N1    C2     sing N N 136 
DT N1    C6     sing N N 137 
DT C2    O2     doub N N 138 
DT C2    N3     sing N N 139 
DT N3    C4     sing N N 140 
DT N3    H3     sing N N 141 
DT C4    O4     doub N N 142 
DT C4    C5     sing N N 143 
DT C5    C7     sing N N 144 
DT C5    C6     doub N N 145 
DT C7    H71    sing N N 146 
DT C7    H72    sing N N 147 
DT C7    H73    sing N N 148 
DT C6    H6     sing N N 149 
# 
loop_
_ndb_struct_conf_na.entry_id 
_ndb_struct_conf_na.feature 
7Z7Y 'double helix'         
7Z7Y 'a-form double helix'  
7Z7Y 'mismatched base pair' 
# 
loop_
_ndb_struct_na_base_pair.model_number 
_ndb_struct_na_base_pair.i_label_asym_id 
_ndb_struct_na_base_pair.i_label_comp_id 
_ndb_struct_na_base_pair.i_label_seq_id 
_ndb_struct_na_base_pair.i_symmetry 
_ndb_struct_na_base_pair.j_label_asym_id 
_ndb_struct_na_base_pair.j_label_comp_id 
_ndb_struct_na_base_pair.j_label_seq_id 
_ndb_struct_na_base_pair.j_symmetry 
_ndb_struct_na_base_pair.shear 
_ndb_struct_na_base_pair.stretch 
_ndb_struct_na_base_pair.stagger 
_ndb_struct_na_base_pair.buckle 
_ndb_struct_na_base_pair.propeller 
_ndb_struct_na_base_pair.opening 
_ndb_struct_na_base_pair.pair_number 
_ndb_struct_na_base_pair.pair_name 
_ndb_struct_na_base_pair.i_auth_asym_id 
_ndb_struct_na_base_pair.i_auth_seq_id 
_ndb_struct_na_base_pair.i_PDB_ins_code 
_ndb_struct_na_base_pair.j_auth_asym_id 
_ndb_struct_na_base_pair.j_auth_seq_id 
_ndb_struct_na_base_pair.j_PDB_ins_code 
_ndb_struct_na_base_pair.hbond_type_28 
_ndb_struct_na_base_pair.hbond_type_12 
1 A DG 1  1_555 A DC 18 7_465 0.317  0.183  -0.090 -4.980  -14.405 -10.650 1  A_DG1:DC18_A A 1  ? A 18 ? 19 1 
1 A DG 2  1_555 A DC 17 7_465 -0.520 -0.189 0.647  2.619   -15.557 1.799   2  A_DG2:DC17_A A 2  ? A 17 ? 19 1 
1 A DT 3  1_555 A DA 16 7_465 0.120  -0.454 0.557  -9.358  -11.225 -0.168  3  A_DT3:DA16_A A 3  ? A 16 ? 20 1 
1 A DG 4  1_555 A DC 15 7_465 0.287  -0.050 1.304  14.773  -9.284  9.399   4  A_DG4:DC15_A A 4  ? A 15 ? 19 1 
1 A DG 5  1_555 A DC 14 7_465 -0.278 -0.475 0.287  0.725   -8.121  2.880   5  A_DG5:DC14_A A 5  ? A 14 ? 19 1 
1 A DG 6  1_555 A DC 13 7_465 -0.715 0.165  0.606  -8.109  -11.028 15.448  6  A_DG6:DC13_A A 6  ? A 13 ? 19 1 
1 A DG 7  1_555 A DC 12 7_465 -0.267 -0.150 0.647  -3.099  -13.062 1.298   7  A_DG7:DC12_A A 7  ? A 12 ? 19 1 
1 A DC 8  1_555 A DG 11 7_465 -0.593 0.184  0.176  4.166   -26.210 8.435   8  A_DC8:DG11_A A 8  ? A 11 ? 19 1 
1 A DG 9  1_555 A DT 10 7_465 -2.592 0.654  1.848  11.114  -26.900 42.015  9  A_DG9:DT10_A A 9  ? A 10 ? ?  1 
1 A DT 10 1_555 A DG 9  7_465 2.592  0.654  1.848  -11.114 -26.900 42.015  10 A_DT10:DG9_A A 10 ? A 9  ? ?  1 
1 A DG 11 1_555 A DC 8  7_465 0.593  0.184  0.176  -4.166  -26.210 8.435   11 A_DG11:DC8_A A 11 ? A 8  ? 19 1 
1 A DC 12 1_555 A DG 7  7_465 0.267  -0.150 0.647  3.099   -13.062 1.298   12 A_DC12:DG7_A A 12 ? A 7  ? 19 1 
1 A DC 13 1_555 A DG 6  7_465 0.715  0.165  0.606  8.109   -11.028 15.448  13 A_DC13:DG6_A A 13 ? A 6  ? 19 1 
1 A DC 14 1_555 A DG 5  7_465 0.278  -0.475 0.287  -0.725  -8.121  2.880   14 A_DC14:DG5_A A 14 ? A 5  ? 19 1 
1 A DC 15 1_555 A DG 4  7_465 -0.287 -0.050 1.304  -14.773 -9.284  9.399   15 A_DC15:DG4_A A 15 ? A 4  ? 19 1 
1 A DA 16 1_555 A DT 3  7_465 -0.120 -0.454 0.557  9.358   -11.225 -0.168  16 A_DA16:DT3_A A 16 ? A 3  ? 20 1 
1 A DC 17 1_555 A DG 2  7_465 0.520  -0.189 0.647  -2.619  -15.557 1.799   17 A_DC17:DG2_A A 17 ? A 2  ? 19 1 
1 A DC 18 1_555 A DG 1  7_465 -0.317 0.183  -0.090 4.980   -14.405 -10.650 18 A_DC18:DG1_A A 18 ? A 1  ? 19 1 
# 
loop_
_ndb_struct_na_base_pair_step.model_number 
_ndb_struct_na_base_pair_step.i_label_asym_id_1 
_ndb_struct_na_base_pair_step.i_label_comp_id_1 
_ndb_struct_na_base_pair_step.i_label_seq_id_1 
_ndb_struct_na_base_pair_step.i_symmetry_1 
_ndb_struct_na_base_pair_step.j_label_asym_id_1 
_ndb_struct_na_base_pair_step.j_label_comp_id_1 
_ndb_struct_na_base_pair_step.j_label_seq_id_1 
_ndb_struct_na_base_pair_step.j_symmetry_1 
_ndb_struct_na_base_pair_step.i_label_asym_id_2 
_ndb_struct_na_base_pair_step.i_label_comp_id_2 
_ndb_struct_na_base_pair_step.i_label_seq_id_2 
_ndb_struct_na_base_pair_step.i_symmetry_2 
_ndb_struct_na_base_pair_step.j_label_asym_id_2 
_ndb_struct_na_base_pair_step.j_label_comp_id_2 
_ndb_struct_na_base_pair_step.j_label_seq_id_2 
_ndb_struct_na_base_pair_step.j_symmetry_2 
_ndb_struct_na_base_pair_step.shift 
_ndb_struct_na_base_pair_step.slide 
_ndb_struct_na_base_pair_step.rise 
_ndb_struct_na_base_pair_step.tilt 
_ndb_struct_na_base_pair_step.roll 
_ndb_struct_na_base_pair_step.twist 
_ndb_struct_na_base_pair_step.x_displacement 
_ndb_struct_na_base_pair_step.y_displacement 
_ndb_struct_na_base_pair_step.helical_rise 
_ndb_struct_na_base_pair_step.inclination 
_ndb_struct_na_base_pair_step.tip 
_ndb_struct_na_base_pair_step.helical_twist 
_ndb_struct_na_base_pair_step.step_number 
_ndb_struct_na_base_pair_step.step_name 
_ndb_struct_na_base_pair_step.i_auth_asym_id_1 
_ndb_struct_na_base_pair_step.i_auth_seq_id_1 
_ndb_struct_na_base_pair_step.i_PDB_ins_code_1 
_ndb_struct_na_base_pair_step.j_auth_asym_id_1 
_ndb_struct_na_base_pair_step.j_auth_seq_id_1 
_ndb_struct_na_base_pair_step.j_PDB_ins_code_1 
_ndb_struct_na_base_pair_step.i_auth_asym_id_2 
_ndb_struct_na_base_pair_step.i_auth_seq_id_2 
_ndb_struct_na_base_pair_step.i_PDB_ins_code_2 
_ndb_struct_na_base_pair_step.j_auth_asym_id_2 
_ndb_struct_na_base_pair_step.j_auth_seq_id_2 
_ndb_struct_na_base_pair_step.j_PDB_ins_code_2 
1 A DG 1  1_555 A DC 18 7_465 A DG 2  1_555 A DC 17 7_465 0.868  -1.008 3.097 -5.580 3.008  29.626 -2.482 -2.684 2.777 5.799  
10.758  30.282 1  AA_DG1DG2:DC17DC18_AA A 1  ? A 18 ? A 2  ? A 17 ? 
1 A DG 2  1_555 A DC 17 7_465 A DT 3  1_555 A DA 16 7_465 0.484  -1.500 3.635 1.550  1.628  39.543 -2.424 -0.514 3.589 2.404  
-2.289  39.604 2  AA_DG2DT3:DA16DC17_AA A 2  ? A 17 ? A 3  ? A 16 ? 
1 A DT 3  1_555 A DA 16 7_465 A DG 4  1_555 A DC 15 7_465 0.336  -1.620 2.255 -4.540 5.611  27.377 -4.137 -1.354 1.815 11.600 
9.387   28.295 3  AA_DT3DG4:DC15DA16_AA A 3  ? A 16 ? A 4  ? A 15 ? 
1 A DG 4  1_555 A DC 15 7_465 A DG 5  1_555 A DC 14 7_465 -0.733 -1.566 3.379 2.661  6.166  31.541 -3.897 1.785  2.957 11.185 
-4.827  32.231 4  AA_DG4DG5:DC14DC15_AA A 4  ? A 15 ? A 5  ? A 14 ? 
1 A DG 5  1_555 A DC 14 7_465 A DG 6  1_555 A DC 13 7_465 0.981  -1.797 3.057 -0.490 9.312  32.248 -4.427 -1.770 2.443 16.343 
0.860   33.535 5  AA_DG5DG6:DC13DC14_AA A 5  ? A 14 ? A 6  ? A 13 ? 
1 A DG 6  1_555 A DC 13 7_465 A DG 7  1_555 A DC 12 7_465 -0.597 -1.936 2.949 -0.552 2.746  33.396 -3.755 0.956  2.794 4.769  
0.958   33.510 6  AA_DG6DG7:DC12DC13_AA A 6  ? A 13 ? A 7  ? A 12 ? 
1 A DG 7  1_555 A DC 12 7_465 A DC 8  1_555 A DG 11 7_465 -0.014 -0.751 2.972 5.719  6.421  26.679 -2.892 1.223  2.662 13.476 
-12.003 28.007 7  AA_DG7DC8:DG11DC12_AA A 7  ? A 12 ? A 8  ? A 11 ? 
1 A DC 8  1_555 A DG 11 7_465 A DG 9  1_555 A DT 10 7_465 2.586  -1.389 2.517 -9.575 8.805  22.579 -4.396 -7.170 0.786 20.453 
22.240  26.016 8  AA_DC8DG9:DT10DG11_AA A 8  ? A 11 ? A 9  ? A 10 ? 
1 A DG 9  1_555 A DT 10 7_465 A DT 10 1_555 A DG 9  7_465 0.000  0.512  3.688 0.000  11.676 49.984 -0.331 0.000  3.712 13.605 
0.000   51.245 9  AA_DG9DT10:DG9DT10_AA A 9  ? A 10 ? A 10 ? A 9  ? 
1 A DT 10 1_555 A DG 9  7_465 A DG 11 1_555 A DC 8  7_465 -2.586 -1.389 2.517 9.575  8.805  22.579 -4.396 7.170  0.786 20.453 
-22.240 26.016 10 AA_DT10DG11:DC8DG9_AA A 10 ? A 9  ? A 11 ? A 8  ? 
1 A DG 11 1_555 A DC 8  7_465 A DC 12 1_555 A DG 7  7_465 0.014  -0.751 2.972 -5.719 6.421  26.679 -2.892 -1.223 2.662 13.476 
12.003  28.007 11 AA_DG11DC12:DG7DC8_AA A 11 ? A 8  ? A 12 ? A 7  ? 
1 A DC 12 1_555 A DG 7  7_465 A DC 13 1_555 A DG 6  7_465 0.597  -1.936 2.949 0.552  2.746  33.396 -3.755 -0.956 2.794 4.769  
-0.958  33.510 12 AA_DC12DC13:DG6DG7_AA A 12 ? A 7  ? A 13 ? A 6  ? 
1 A DC 13 1_555 A DG 6  7_465 A DC 14 1_555 A DG 5  7_465 -0.981 -1.797 3.057 0.490  9.312  32.248 -4.427 1.770  2.443 16.343 
-0.860  33.535 13 AA_DC13DC14:DG5DG6_AA A 13 ? A 6  ? A 14 ? A 5  ? 
1 A DC 14 1_555 A DG 5  7_465 A DC 15 1_555 A DG 4  7_465 0.733  -1.566 3.379 -2.661 6.166  31.541 -3.897 -1.785 2.957 11.185 
4.827   32.231 14 AA_DC14DC15:DG4DG5_AA A 14 ? A 5  ? A 15 ? A 4  ? 
1 A DC 15 1_555 A DG 4  7_465 A DA 16 1_555 A DT 3  7_465 -0.336 -1.620 2.255 4.540  5.611  27.377 -4.137 1.354  1.815 11.600 
-9.387  28.295 15 AA_DC15DA16:DT3DG4_AA A 15 ? A 4  ? A 16 ? A 3  ? 
1 A DA 16 1_555 A DT 3  7_465 A DC 17 1_555 A DG 2  7_465 -0.484 -1.500 3.635 -1.550 1.628  39.543 -2.424 0.514  3.589 2.404  
2.289   39.604 16 AA_DA16DC17:DG2DT3_AA A 16 ? A 3  ? A 17 ? A 2  ? 
1 A DC 17 1_555 A DG 2  7_465 A DC 18 1_555 A DG 1  7_465 -0.868 -1.008 3.097 5.580  3.008  29.626 -2.482 2.684  2.777 5.799  
-10.758 30.282 17 AA_DC17DC18:DG1DG2_AA A 17 ? A 2  ? A 18 ? A 1  ? 
# 
loop_
_pdbx_audit_support.funding_organization 
_pdbx_audit_support.country 
_pdbx_audit_support.grant_number 
_pdbx_audit_support.ordinal 
'Ministry of Education, Youth and Sports of the Czech Republic' 'Czech Republic' D_1292120577   1 
'Czech Academy of Sciences'                                     'Czech Republic' 'RVO 86652036' 2 
# 
_pdbx_initial_refinement_model.id               1 
_pdbx_initial_refinement_model.entity_id_list   ? 
_pdbx_initial_refinement_model.type             'experimental model' 
_pdbx_initial_refinement_model.source_name      PDB 
_pdbx_initial_refinement_model.accession_code   6ROS 
_pdbx_initial_refinement_model.details          ? 
# 
_space_group.name_H-M_alt     'P 43 21 2' 
_space_group.name_Hall        'P 4nw 2abw' 
_space_group.IT_number        96 
_space_group.crystal_system   tetragonal 
_space_group.id               1 
# 
_atom_sites.entry_id                    7Z7Y 
_atom_sites.Cartn_transf_matrix[1][1]   ? 
_atom_sites.Cartn_transf_matrix[1][2]   ? 
_atom_sites.Cartn_transf_matrix[1][3]   ? 
_atom_sites.Cartn_transf_matrix[2][1]   ? 
_atom_sites.Cartn_transf_matrix[2][2]   ? 
_atom_sites.Cartn_transf_matrix[2][3]   ? 
_atom_sites.Cartn_transf_matrix[3][1]   ? 
_atom_sites.Cartn_transf_matrix[3][2]   ? 
_atom_sites.Cartn_transf_matrix[3][3]   ? 
_atom_sites.Cartn_transf_vector[1]      ? 
_atom_sites.Cartn_transf_vector[2]      ? 
_atom_sites.Cartn_transf_vector[3]      ? 
_atom_sites.fract_transf_matrix[1][1]   0.00696673 
_atom_sites.fract_transf_matrix[1][2]   0.01084216 
_atom_sites.fract_transf_matrix[1][3]   -0.02318836 
_atom_sites.fract_transf_matrix[2][1]   0.01812032 
_atom_sites.fract_transf_matrix[2][2]   0.01488556 
_atom_sites.fract_transf_matrix[2][3]   0.01240411 
_atom_sites.fract_transf_matrix[3][1]   0.00759644 
_atom_sites.fract_transf_matrix[3][2]   -0.00802305 
_atom_sites.fract_transf_matrix[3][3]   -0.00146905 
_atom_sites.fract_transf_vector[1]      -0.549710 
_atom_sites.fract_transf_vector[2]      0.465694 
_atom_sites.fract_transf_vector[3]      0.016219 
_atom_sites.solution_primary            ? 
_atom_sites.solution_secondary          ? 
_atom_sites.solution_hydrogens          ? 
_atom_sites.special_details             ? 
# 
loop_
_atom_type.symbol 
_atom_type.scat_dispersion_real 
_atom_type.scat_dispersion_imag 
_atom_type.scat_Cromer_Mann_a1 
_atom_type.scat_Cromer_Mann_a2 
_atom_type.scat_Cromer_Mann_a3 
_atom_type.scat_Cromer_Mann_a4 
_atom_type.scat_Cromer_Mann_b1 
_atom_type.scat_Cromer_Mann_b2 
_atom_type.scat_Cromer_Mann_b3 
_atom_type.scat_Cromer_Mann_b4 
_atom_type.scat_Cromer_Mann_c 
_atom_type.scat_source 
_atom_type.scat_dispersion_source 
C  ? ? 3.54356  2.42580 ? ? 25.62398 1.50364  ? ? 0.0 
;2-Gaussian fit: Grosse-Kunstleve RW, Sauter NK, Adams PD: Newsletter of the IUCr Commission on Crystallographic Computing 2004, 3, 22-31.
;
? 
N  ? ? 4.01032  2.96436 ? ? 19.97189 1.75589  ? ? 0.0 
;2-Gaussian fit: Grosse-Kunstleve RW, Sauter NK, Adams PD: Newsletter of the IUCr Commission on Crystallographic Computing 2004, 3, 22-31.
;
? 
O  ? ? 7.96527  ?       ? ? 9.05267  ?        ? ? 0.0 
;1-Gaussian fit: Grosse-Kunstleve RW, Sauter NK, Adams PD: Newsletter of the IUCr Commission on Crystallographic Computing 2004, 3, 22-31.
;
? 
P  ? ? 9.51135  5.44231 ? ? 1.42069  35.72801 ? ? 0.0 
;2-Gaussian fit: Grosse-Kunstleve RW, Sauter NK, Adams PD: Newsletter of the IUCr Commission on Crystallographic Computing 2004, 3, 22-31.
;
? 
SR ? ? 32.18652 5.63919 ? ? 2.35430  57.90393 ? ? 0.0 
;2-Gaussian fit: Grosse-Kunstleve RW, Sauter NK, Adams PD: Newsletter of the IUCr Commission on Crystallographic Computing 2004, 3, 22-31.
;
? 
# 
loop_
_atom_site.group_PDB 
_atom_site.id 
_atom_site.type_symbol 
_atom_site.label_atom_id 
_atom_site.label_alt_id 
_atom_site.label_comp_id 
_atom_site.label_asym_id 
_atom_site.label_entity_id 
_atom_site.label_seq_id 
_atom_site.pdbx_PDB_ins_code 
_atom_site.Cartn_x 
_atom_site.Cartn_y 
_atom_site.Cartn_z 
_atom_site.occupancy 
_atom_site.B_iso_or_equiv 
_atom_site.pdbx_formal_charge 
_atom_site.auth_seq_id 
_atom_site.auth_comp_id 
_atom_site.auth_asym_id 
_atom_site.auth_atom_id 
_atom_site.pdbx_PDB_model_num 
ATOM   1   O  "O5'" . DG A 1 1  ? -19.11100 2.26069   -12.26578 1.000 68.86755  ? 1   DG A "O5'" 1 
ATOM   2   C  "C5'" . DG A 1 1  ? -19.59462 2.97560   -13.39409 1.000 65.67859  ? 1   DG A "C5'" 1 
ATOM   3   C  "C4'" . DG A 1 1  ? -18.95873 2.46305   -14.66707 1.000 62.01585  ? 1   DG A "C4'" 1 
ATOM   4   O  "O4'" . DG A 1 1  ? -19.25735 3.38071   -15.74523 1.000 64.24921  ? 1   DG A "O4'" 1 
ATOM   5   C  "C3'" . DG A 1 1  ? -17.44090 2.35001   -14.61610 1.000 68.28609  ? 1   DG A "C3'" 1 
ATOM   6   O  "O3'" . DG A 1 1  ? -17.06960 1.00006   -14.26368 1.000 72.09541  ? 1   DG A "O3'" 1 
ATOM   7   C  "C2'" . DG A 1 1  ? -17.04787 2.68183   -16.05583 1.000 66.09946  ? 1   DG A "C2'" 1 
ATOM   8   C  "C1'" . DG A 1 1  ? -18.06823 3.75693   -16.39706 1.000 65.72893  ? 1   DG A "C1'" 1 
ATOM   9   N  N9    . DG A 1 1  ? -17.70067 5.08561   -15.92129 1.000 64.32311  ? 1   DG A N9    1 
ATOM   10  C  C8    . DG A 1 1  ? -18.18987 5.74259   -14.80941 1.000 67.87889  ? 1   DG A C8    1 
ATOM   11  N  N7    . DG A 1 1  ? -17.68263 6.93229   -14.64512 1.000 65.95247  ? 1   DG A N7    1 
ATOM   12  C  C5    . DG A 1 1  ? -16.82180 7.07799   -15.72944 1.000 64.18914  ? 1   DG A C5    1 
ATOM   13  C  C6    . DG A 1 1  ? -15.99927 8.16427   -16.09666 1.000 66.22943  ? 1   DG A C6    1 
ATOM   14  O  O6    . DG A 1 1  ? -15.86308 9.24932   -15.51888 1.000 72.78276  ? 1   DG A O6    1 
ATOM   15  N  N1    . DG A 1 1  ? -15.28848 7.90430   -17.26320 1.000 65.17141  ? 1   DG A N1    1 
ATOM   16  C  C2    . DG A 1 1  ? -15.36512 6.73889   -17.98415 1.000 68.33269  ? 1   DG A C2    1 
ATOM   17  N  N2    . DG A 1 1  ? -14.59723 6.66772   -19.08418 1.000 66.54943  ? 1   DG A N2    1 
ATOM   18  N  N3    . DG A 1 1  ? -16.13685 5.71216   -17.65207 1.000 65.05536  ? 1   DG A N3    1 
ATOM   19  C  C4    . DG A 1 1  ? -16.83146 5.95258   -16.52034 1.000 62.60588  ? 1   DG A C4    1 
ATOM   20  P  P     . DG A 1 2  ? -15.67910 0.70608   -13.51506 1.000 70.36095  ? 2   DG A P     1 
ATOM   21  O  OP1   . DG A 1 2  ? -15.50565 -0.76262  -13.45607 1.000 70.12830  ? 2   DG A OP1   1 
ATOM   22  O  OP2   . DG A 1 2  ? -15.72457 1.47727   -12.24717 1.000 71.92210  ? 2   DG A OP2   1 
ATOM   23  O  "O5'" . DG A 1 2  ? -14.56314 1.25792   -14.51297 1.000 61.21235  ? 2   DG A "O5'" 1 
ATOM   24  C  "C5'" . DG A 1 2  ? -13.96457 0.41825   -15.45791 1.000 56.72102  ? 2   DG A "C5'" 1 
ATOM   25  C  "C4'" . DG A 1 2  ? -13.13874 1.24151   -16.41652 1.000 60.72003  ? 2   DG A "C4'" 1 
ATOM   26  O  "O4'" . DG A 1 2  ? -13.85037 2.43277   -16.80906 1.000 65.61603  ? 2   DG A "O4'" 1 
ATOM   27  C  "C3'" . DG A 1 2  ? -11.81600 1.73659   -15.85584 1.000 64.81623  ? 2   DG A "C3'" 1 
ATOM   28  O  "O3'" . DG A 1 2  ? -10.79899 0.79422   -16.01844 1.000 68.88890  ? 2   DG A "O3'" 1 
ATOM   29  C  "C2'" . DG A 1 2  ? -11.55031 2.94048   -16.74840 1.000 67.12137  ? 2   DG A "C2'" 1 
ATOM   30  C  "C1'" . DG A 1 2  ? -12.93639 3.51481   -16.90628 1.000 62.68238  ? 2   DG A "C1'" 1 
ATOM   31  N  N9    . DG A 1 2  ? -13.24759 4.51748   -15.90602 1.000 67.04114  ? 2   DG A N9    1 
ATOM   32  C  C8    . DG A 1 2  ? -14.09608 4.39882   -14.82844 1.000 68.54333  ? 2   DG A C8    1 
ATOM   33  N  N7    . DG A 1 2  ? -14.15772 5.48185   -14.09873 1.000 69.13438  ? 2   DG A N7    1 
ATOM   34  C  C5    . DG A 1 2  ? -13.28268 6.36287   -14.73052 1.000 66.97607  ? 2   DG A C5    1 
ATOM   35  C  C6    . DG A 1 2  ? -12.93283 7.68343   -14.40337 1.000 65.14970  ? 2   DG A C6    1 
ATOM   36  O  O6    . DG A 1 2  ? -13.33608 8.36343   -13.45977 1.000 72.14039  ? 2   DG A O6    1 
ATOM   37  N  N1    . DG A 1 2  ? -12.01990 8.21511   -15.30205 1.000 64.27628  ? 2   DG A N1    1 
ATOM   38  C  C2    . DG A 1 2  ? -11.50322 7.55054   -16.37992 1.000 67.89243  ? 2   DG A C2    1 
ATOM   39  N  N2    . DG A 1 2  ? -10.62810 8.22734   -17.13184 1.000 70.60713  ? 2   DG A N2    1 
ATOM   40  N  N3    . DG A 1 2  ? -11.81713 6.30728   -16.70139 1.000 70.51347  ? 2   DG A N3    1 
ATOM   41  C  C4    . DG A 1 2  ? -12.71271 5.77874   -15.83475 1.000 69.04706  ? 2   DG A C4    1 
ATOM   42  P  P     . DT A 1 3  ? -9.63044  0.65377   -14.92312 1.000 61.69784  ? 3   DT A P     1 
ATOM   43  O  OP1   . DT A 1 3  ? -8.81140  -0.48477  -15.39318 1.000 68.26504  ? 3   DT A OP1   1 
ATOM   44  O  OP2   . DT A 1 3  ? -10.23082 0.62033   -13.56407 1.000 55.16661  ? 3   DT A OP2   1 
ATOM   45  O  "O5'" . DT A 1 3  ? -8.74183  1.98690   -15.09964 1.000 65.59623  ? 3   DT A "O5'" 1 
ATOM   46  C  "C5'" . DT A 1 3  ? -8.09515  2.28620   -16.33613 1.000 60.11910  ? 3   DT A "C5'" 1 
ATOM   47  C  "C4'" . DT A 1 3  ? -7.57084  3.72590   -16.34666 1.000 67.52734  ? 3   DT A "C4'" 1 
ATOM   48  O  "O4'" . DT A 1 3  ? -8.67493  4.67149   -16.21996 1.000 69.08527  ? 3   DT A "O4'" 1 
ATOM   49  C  "C3'" . DT A 1 3  ? -6.64280  4.09632   -15.18992 1.000 69.40721  ? 3   DT A "C3'" 1 
ATOM   50  O  "O3'" . DT A 1 3  ? -5.29685  3.70540   -15.46717 1.000 70.93993  ? 3   DT A "O3'" 1 
ATOM   51  C  "C2'" . DT A 1 3  ? -6.76066  5.61026   -15.16509 1.000 70.26102  ? 3   DT A "C2'" 1 
ATOM   52  C  "C1'" . DT A 1 3  ? -8.23168  5.81538   -15.49083 1.000 66.84731  ? 3   DT A "C1'" 1 
ATOM   53  N  N1    . DT A 1 3  ? -9.08563  6.05716   -14.29781 1.000 63.38192  ? 3   DT A N1    1 
ATOM   54  C  C2    . DT A 1 3  ? -9.02362  7.28167   -13.70113 1.000 64.83988  ? 3   DT A C2    1 
ATOM   55  O  O2    . DT A 1 3  ? -8.27462  8.16147   -14.08417 1.000 64.37695  ? 3   DT A O2    1 
ATOM   56  N  N3    . DT A 1 3  ? -9.84435  7.43677   -12.61523 1.000 67.26874  ? 3   DT A N3    1 
ATOM   57  C  C4    . DT A 1 3  ? -10.71613 6.50517   -12.08980 1.000 67.06177  ? 3   DT A C4    1 
ATOM   58  O  O4    . DT A 1 3  ? -11.42067 6.73806   -11.10420 1.000 64.70384  ? 3   DT A O4    1 
ATOM   59  C  C5    . DT A 1 3  ? -10.73873 5.23783   -12.77659 1.000 65.96948  ? 3   DT A C5    1 
ATOM   60  C  C7    . DT A 1 3  ? -11.64492 4.14693   -12.30139 1.000 67.48841  ? 3   DT A C7    1 
ATOM   61  C  C6    . DT A 1 3  ? -9.93347  5.07672   -13.83923 1.000 63.91005  ? 3   DT A C6    1 
ATOM   62  P  P     . DG A 1 4  ? -4.33445  3.20367   -14.28291 1.000 75.00227  ? 4   DG A P     1 
ATOM   63  O  OP1   . DG A 1 4  ? -3.16296  2.55289   -14.93417 1.000 63.39285  ? 4   DG A OP1   1 
ATOM   64  O  OP2   . DG A 1 4  ? -5.14583  2.46699   -13.28840 1.000 70.27371  ? 4   DG A OP2   1 
ATOM   65  O  "O5'" . DG A 1 4  ? -3.95310  4.56523   -13.52900 1.000 68.14084  ? 4   DG A "O5'" 1 
ATOM   66  C  "C5'" . DG A 1 4  ? -3.15893  5.54568   -14.14998 1.000 67.57951  ? 4   DG A "C5'" 1 
ATOM   67  C  "C4'" . DG A 1 4  ? -3.29942  6.85352   -13.40353 1.000 70.70334  ? 4   DG A "C4'" 1 
ATOM   68  O  "O4'" . DG A 1 4  ? -4.69752  7.18476   -13.30645 1.000 79.28269  ? 4   DG A "O4'" 1 
ATOM   69  C  "C3'" . DG A 1 4  ? -2.83014  6.85018   -11.95518 1.000 70.75680  ? 4   DG A "C3'" 1 
ATOM   70  O  "O3'" . DG A 1 4  ? -1.42037  7.07177   -11.89106 1.000 73.41994  ? 4   DG A "O3'" 1 
ATOM   71  C  "C2'" . DG A 1 4  ? -3.59969  8.01526   -11.36224 1.000 77.13460  ? 4   DG A "C2'" 1 
ATOM   72  C  "C1'" . DG A 1 4  ? -4.89424  8.00026   -12.16801 1.000 74.10268  ? 4   DG A "C1'" 1 
ATOM   73  N  N9    . DG A 1 4  ? -6.06101  7.54313   -11.43807 1.000 66.77536  ? 4   DG A N9    1 
ATOM   74  C  C8    . DG A 1 4  ? -6.61451  6.29023   -11.42867 1.000 66.62715  ? 4   DG A C8    1 
ATOM   75  N  N7    . DG A 1 4  ? -7.66310  6.19643   -10.65954 1.000 63.83082  ? 4   DG A N7    1 
ATOM   76  C  C5    . DG A 1 4  ? -7.77385  7.45529   -10.09763 1.000 68.82542  ? 4   DG A C5    1 
ATOM   77  C  C6    . DG A 1 4  ? -8.71618  7.96845   -9.17285  1.000 71.73364  ? 4   DG A C6    1 
ATOM   78  O  O6    . DG A 1 4  ? -9.67607  7.38687   -8.64415  1.000 73.10401  ? 4   DG A O6    1 
ATOM   79  N  N1    . DG A 1 4  ? -8.45861  9.30377   -8.87397  1.000 70.08545  ? 4   DG A N1    1 
ATOM   80  C  C2    . DG A 1 4  ? -7.41874  10.04216  -9.40629  1.000 72.14068  ? 4   DG A C2    1 
ATOM   81  N  N2    . DG A 1 4  ? -7.31717  11.31016  -9.00461  1.000 73.67679  ? 4   DG A N2    1 
ATOM   82  N  N3    . DG A 1 4  ? -6.54125  9.57167   -10.26944 1.000 69.27181  ? 4   DG A N3    1 
ATOM   83  C  C4    . DG A 1 4  ? -6.78128  8.28270   -10.56689 1.000 68.49113  ? 4   DG A C4    1 
ATOM   84  P  P     . DG A 1 5  ? -0.61179  6.65659   -10.56732 1.000 73.48552  ? 5   DG A P     1 
ATOM   85  O  OP1   . DG A 1 5  ? 0.81271   6.76313   -10.94038 1.000 85.23024  ? 5   DG A OP1   1 
ATOM   86  O  OP2   . DG A 1 5  ? -1.18190  5.38948   -10.06671 1.000 83.25972  ? 5   DG A OP2   1 
ATOM   87  O  "O5'" . DG A 1 5  ? -0.98931  7.77422   -9.47281  1.000 69.06708  ? 5   DG A "O5'" 1 
ATOM   88  C  "C5'" . DG A 1 5  ? -0.34388  9.04472   -9.49281  1.000 66.79911  ? 5   DG A "C5'" 1 
ATOM   89  C  "C4'" . DG A 1 5  ? -1.01382  10.03576  -8.54063  1.000 70.56091  ? 5   DG A "C4'" 1 
ATOM   90  O  "O4'" . DG A 1 5  ? -2.40049  10.24106  -8.92260  1.000 62.74774  ? 5   DG A "O4'" 1 
ATOM   91  C  "C3'" . DG A 1 5  ? -1.09631  9.63194   -7.07482  1.000 67.49515  ? 5   DG A "C3'" 1 
ATOM   92  O  "O3'" . DG A 1 5  ? 0.14550   9.83406   -6.38982  1.000 62.78904  ? 5   DG A "O3'" 1 
ATOM   93  C  "C2'" . DG A 1 5  ? -2.16009  10.59882  -6.59031  1.000 68.14929  ? 5   DG A "C2'" 1 
ATOM   94  C  "C1'" . DG A 1 5  ? -3.13242  10.62359  -7.77759  1.000 66.74287  ? 5   DG A "C1'" 1 
ATOM   95  N  N9    . DG A 1 5  ? -4.23902  9.70698   -7.58450  1.000 68.29544  ? 5   DG A N9    1 
ATOM   96  C  C8    . DG A 1 5  ? -4.41055  8.47037   -8.14044  1.000 70.39338  ? 5   DG A C8    1 
ATOM   97  N  N7    . DG A 1 5  ? -5.49085  7.86484   -7.73102  1.000 73.66453  ? 5   DG A N7    1 
ATOM   98  C  C5    . DG A 1 5  ? -6.04574  8.74847   -6.81968  1.000 72.71687  ? 5   DG A C5    1 
ATOM   99  C  C6    . DG A 1 5  ? -7.22579  8.64545   -6.04058  1.000 76.10847  ? 5   DG A C6    1 
ATOM   100 O  O6    . DG A 1 5  ? -8.04372  7.71476   -5.99444  1.000 79.18552  ? 5   DG A O6    1 
ATOM   101 N  N1    . DG A 1 5  ? -7.41336  9.77363   -5.24768  1.000 77.31766  ? 5   DG A N1    1 
ATOM   102 C  C2    . DG A 1 5  ? -6.57186  10.86503  -5.22036  1.000 73.41607  ? 5   DG A C2    1 
ATOM   103 N  N2    . DG A 1 5  ? -6.91435  11.86066  -4.39879  1.000 74.37860  ? 5   DG A N2    1 
ATOM   104 N  N3    . DG A 1 5  ? -5.47632  10.97339  -5.94713  1.000 68.96386  ? 5   DG A N3    1 
ATOM   105 C  C4    . DG A 1 5  ? -5.27615  9.88076   -6.71649  1.000 71.37715  ? 5   DG A C4    1 
ATOM   106 P  P     . DG A 1 6  ? 0.44991   9.02143   -5.03245  1.000 64.56663  ? 6   DG A P     1 
ATOM   107 O  OP1   . DG A 1 6  ? 1.76858   9.44097   -4.51970  1.000 63.47271  ? 6   DG A OP1   1 
ATOM   108 O  OP2   . DG A 1 6  ? 0.09511   7.61247   -5.27344  1.000 69.06713  ? 6   DG A OP2   1 
ATOM   109 O  "O5'" . DG A 1 6  ? -0.57714  9.56375   -3.94545  1.000 66.31746  ? 6   DG A "O5'" 1 
ATOM   110 C  "C5'" . DG A 1 6  ? -0.44698  10.86293  -3.46773  1.000 67.78084  ? 6   DG A "C5'" 1 
ATOM   111 C  "C4'" . DG A 1 6  ? -1.60794  11.24401  -2.57379  1.000 69.74862  ? 6   DG A "C4'" 1 
ATOM   112 O  "O4'" . DG A 1 6  ? -2.83883  11.15792  -3.32722  1.000 66.34089  ? 6   DG A "O4'" 1 
ATOM   113 C  "C3'" . DG A 1 6  ? -1.84439  10.33321  -1.38673  1.000 71.91034  ? 6   DG A "C3'" 1 
ATOM   114 O  "O3'" . DG A 1 6  ? -0.95411  10.67374  -0.34418  1.000 75.62711  ? 6   DG A "O3'" 1 
ATOM   115 C  "C2'" . DG A 1 6  ? -3.29803  10.62451  -1.05737  1.000 71.97709  ? 6   DG A "C2'" 1 
ATOM   116 C  "C1'" . DG A 1 6  ? -3.89709  10.77484  -2.46366  1.000 69.95276  ? 6   DG A "C1'" 1 
ATOM   117 N  N9    . DG A 1 6  ? -4.48359  9.53477   -2.99053  1.000 75.03891  ? 6   DG A N9    1 
ATOM   118 C  C8    . DG A 1 6  ? -3.98892  8.74284   -4.00326  1.000 71.27171  ? 6   DG A C8    1 
ATOM   119 N  N7    . DG A 1 6  ? -4.72511  7.69219   -4.25019  1.000 73.48665  ? 6   DG A N7    1 
ATOM   120 C  C5    . DG A 1 6  ? -5.76765  7.78475   -3.33460  1.000 78.83837  ? 6   DG A C5    1 
ATOM   121 C  C6    . DG A 1 6  ? -6.88350  6.93167   -3.11781  1.000 82.77942  ? 6   DG A C6    1 
ATOM   122 O  O6    . DG A 1 6  ? -7.18683  5.88065   -3.70397  1.000 87.22618  ? 6   DG A O6    1 
ATOM   123 N  N1    . DG A 1 6  ? -7.68926  7.40374   -2.09820  1.000 81.97077  ? 6   DG A N1    1 
ATOM   124 C  C2    . DG A 1 6  ? -7.45265  8.54692   -1.37572  1.000 81.00340  ? 6   DG A C2    1 
ATOM   125 N  N2    . DG A 1 6  ? -8.34055  8.84097   -0.42310  1.000 87.95139  ? 6   DG A N2    1 
ATOM   126 N  N3    . DG A 1 6  ? -6.42501  9.34832   -1.56639  1.000 75.56826  ? 6   DG A N3    1 
ATOM   127 C  C4    . DG A 1 6  ? -5.62794  8.91214   -2.55479  1.000 76.39929  ? 6   DG A C4    1 
ATOM   128 P  P     . DG A 1 7  ? -0.75461  9.69723   0.91426   1.000 78.99584  ? 7   DG A P     1 
ATOM   129 O  OP1   . DG A 1 7  ? 0.48474   9.99475   1.66355   1.000 85.77772  ? 7   DG A OP1   1 
ATOM   130 O  OP2   . DG A 1 7  ? -0.96632  8.32297   0.42524   1.000 80.43009  ? 7   DG A OP2   1 
ATOM   131 O  "O5'" . DG A 1 7  ? -2.02245  9.99487   1.80856   1.000 72.40282  ? 7   DG A "O5'" 1 
ATOM   132 C  "C5'" . DG A 1 7  ? -2.36344  9.10093   2.76002   1.000 76.41845  ? 7   DG A "C5'" 1 
ATOM   133 C  "C4'" . DG A 1 7  ? -3.78555  9.29849   3.14692   1.000 80.43995  ? 7   DG A "C4'" 1 
ATOM   134 O  "O4'" . DG A 1 7  ? -4.59573  9.29280   1.96125   1.000 85.69351  ? 7   DG A "O4'" 1 
ATOM   135 C  "C3'" . DG A 1 7  ? -4.32913  8.20453   4.00827   1.000 87.06278  ? 7   DG A "C3'" 1 
ATOM   136 O  "O3'" . DG A 1 7  ? -4.00449  8.47570   5.32871   1.000 86.55520  ? 7   DG A "O3'" 1 
ATOM   137 C  "C2'" . DG A 1 7  ? -5.82637  8.30056   3.72774   1.000 88.63857  ? 7   DG A "C2'" 1 
ATOM   138 C  "C1'" . DG A 1 7  ? -5.83049  8.65452   2.23289   1.000 90.56179  ? 7   DG A "C1'" 1 
ATOM   139 N  N9    . DG A 1 7  ? -5.91904  7.49880   1.32742   1.000 89.12276  ? 7   DG A N9    1 
ATOM   140 C  C8    . DG A 1 7  ? -4.98630  7.12677   0.38444   1.000 83.82931  ? 7   DG A C8    1 
ATOM   141 N  N7    . DG A 1 7  ? -5.32080  6.06572   -0.29402  1.000 85.80688  ? 7   DG A N7    1 
ATOM   142 C  C5    . DG A 1 7  ? -6.55209  5.70141   0.23086   1.000 88.60130  ? 7   DG A C5    1 
ATOM   143 C  C6    . DG A 1 7  ? -7.39989  4.62560   -0.11200  1.000 90.50138  ? 7   DG A C6    1 
ATOM   144 O  O6    . DG A 1 7  ? -7.22396  3.75420   -0.97344  1.000 92.51971  ? 7   DG A O6    1 
ATOM   145 N  N1    . DG A 1 7  ? -8.55529  4.61769   0.65959   1.000 91.39454  ? 7   DG A N1    1 
ATOM   146 C  C2    . DG A 1 7  ? -8.85739  5.53695   1.63745   1.000 90.97019  ? 7   DG A C2    1 
ATOM   147 N  N2    . DG A 1 7  ? -10.02393 5.36420   2.27047   1.000 91.85683  ? 7   DG A N2    1 
ATOM   148 N  N3    . DG A 1 7  ? -8.07181  6.55297   1.97290   1.000 89.44647  ? 7   DG A N3    1 
ATOM   149 C  C4    . DG A 1 7  ? -6.93882  6.57392   1.23066   1.000 89.30169  ? 7   DG A C4    1 
ATOM   150 P  P     . DC A 1 8  ? -2.77612  7.68798   5.99609   1.000 89.64471  ? 8   DC A P     1 
ATOM   151 O  OP1   . DC A 1 8  ? -2.01491  8.68584   6.78527   1.000 93.21839  ? 8   DC A OP1   1 
ATOM   152 O  OP2   . DC A 1 8  ? -2.06268  6.89450   4.95809   1.000 74.30511  ? 8   DC A OP2   1 
ATOM   153 O  "O5'" . DC A 1 8  ? -3.52143  6.67649   6.98275   1.000 93.38655  ? 8   DC A "O5'" 1 
ATOM   154 C  "C5'" . DC A 1 8  ? -4.54790  7.16787   7.83910   1.000 86.77856  ? 8   DC A "C5'" 1 
ATOM   155 C  "C4'" . DC A 1 8  ? -5.86550  6.44470   7.60788   1.000 85.98058  ? 8   DC A "C4'" 1 
ATOM   156 O  "O4'" . DC A 1 8  ? -6.27960  6.55118   6.22822   1.000 87.31089  ? 8   DC A "O4'" 1 
ATOM   157 C  "C3'" . DC A 1 8  ? -5.84256  4.95553   7.81414   1.000 91.25479  ? 8   DC A "C3'" 1 
ATOM   158 O  "O3'" . DC A 1 8  ? -5.79842  4.64307   9.17077   1.000 99.55794  ? 8   DC A "O3'" 1 
ATOM   159 C  "C2'" . DC A 1 8  ? -7.17828  4.59073   7.19515   1.000 89.53352  ? 8   DC A "C2'" 1 
ATOM   160 C  "C1'" . DC A 1 8  ? -7.14430  5.45080   5.93801   1.000 89.99730  ? 8   DC A "C1'" 1 
ATOM   161 N  N1    . DC A 1 8  ? -6.63747  4.69110   4.74198   1.000 94.37642  ? 8   DC A N1    1 
ATOM   162 C  C2    . DC A 1 8  ? -7.49526  3.79430   4.09204   1.000 94.86761  ? 8   DC A C2    1 
ATOM   163 O  O2    . DC A 1 8  ? -8.65640  3.66613   4.50897   1.000 93.38547  ? 8   DC A O2    1 
ATOM   164 N  N3    . DC A 1 8  ? -7.03443  3.09714   3.01685   1.000 91.22322  ? 8   DC A N3    1 
ATOM   165 C  C4    . DC A 1 8  ? -5.78170  3.26202   2.60210   1.000 89.66975  ? 8   DC A C4    1 
ATOM   166 N  N4    . DC A 1 8  ? -5.37506  2.54977   1.54541   1.000 94.92872  ? 8   DC A N4    1 
ATOM   167 C  C5    . DC A 1 8  ? -4.88610  4.15917   3.25803   1.000 91.74881  ? 8   DC A C5    1 
ATOM   168 C  C6    . DC A 1 8  ? -5.34920  4.84397   4.31620   1.000 91.94225  ? 8   DC A C6    1 
ATOM   169 P  P     . DG A 1 9  ? -5.11507  3.26717   9.63048   1.000 111.67403 ? 9   DG A P     1 
ATOM   170 O  OP1   . DG A 1 9  ? -5.25797  3.22177   11.10364  1.000 113.00456 ? 9   DG A OP1   1 
ATOM   171 O  OP2   . DG A 1 9  ? -3.76143  3.18050   9.02050   1.000 102.32170 ? 9   DG A OP2   1 
ATOM   172 O  "O5'" . DG A 1 9  ? -6.03069  2.14120   8.94238   1.000 97.80014  ? 9   DG A "O5'" 1 
ATOM   173 C  "C5'" . DG A 1 9  ? -7.38566  1.96774   9.34793   1.000 91.92958  ? 9   DG A "C5'" 1 
ATOM   174 C  "C4'" . DG A 1 9  ? -8.11087  1.02163   8.40852   1.000 91.80297  ? 9   DG A "C4'" 1 
ATOM   175 O  "O4'" . DG A 1 9  ? -7.94071  1.45873   7.05111   1.000 93.14004  ? 9   DG A "O4'" 1 
ATOM   176 C  "C3'" . DG A 1 9  ? -7.57489  -0.38877  8.38946   1.000 98.67864  ? 9   DG A "C3'" 1 
ATOM   177 O  "O3'" . DG A 1 9  ? -8.10423  -1.11080  9.45618   1.000 103.69334 ? 9   DG A "O3'" 1 
ATOM   178 C  "C2'" . DG A 1 9  ? -8.09376  -0.91089  7.05854   1.000 93.77907  ? 9   DG A "C2'" 1 
ATOM   179 C  "C1'" . DG A 1 9  ? -8.00750  0.33046   6.18779   1.000 93.51542  ? 9   DG A "C1'" 1 
ATOM   180 N  N9    . DG A 1 9  ? -6.85654  0.35284   5.29497   1.000 93.22294  ? 9   DG A N9    1 
ATOM   181 C  C8    . DG A 1 9  ? -5.73149  1.13423   5.40695   1.000 95.19076  ? 9   DG A C8    1 
ATOM   182 N  N7    . DG A 1 9  ? -4.87794  0.95676   4.43651   1.000 96.15674  ? 9   DG A N7    1 
ATOM   183 C  C5    . DG A 1 9  ? -5.48066  0.00264   3.62612   1.000 96.31797  ? 9   DG A C5    1 
ATOM   184 C  C6    . DG A 1 9  ? -5.03103  -0.59041  2.41851   1.000 99.00052  ? 9   DG A C6    1 
ATOM   185 O  O6    . DG A 1 9  ? -3.97255  -0.38206  1.80005   1.000 98.72858  ? 9   DG A O6    1 
ATOM   186 N  N1    . DG A 1 9  ? -5.95276  -1.51169  1.93107   1.000 98.29070  ? 9   DG A N1    1 
ATOM   187 C  C2    . DG A 1 9  ? -7.15308  -1.81731  2.53252   1.000 97.75161  ? 9   DG A C2    1 
ATOM   188 N  N2    . DG A 1 9  ? -7.91066  -2.72705  1.91228   1.000 99.09906  ? 9   DG A N2    1 
ATOM   189 N  N3    . DG A 1 9  ? -7.58153  -1.27227  3.65984   1.000 94.47538  ? 9   DG A N3    1 
ATOM   190 C  C4    . DG A 1 9  ? -6.69992  -0.37551  4.14634   1.000 94.10447  ? 9   DG A C4    1 
ATOM   191 P  P     . DT A 1 10 ? -7.13797  -2.06511  10.30380  1.000 100.96534 ? 10  DT A P     1 
ATOM   192 O  OP1   . DT A 1 10 ? -7.96106  -2.67173  11.37521  1.000 89.57072  ? 10  DT A OP1   1 
ATOM   193 O  OP2   . DT A 1 10 ? -5.91350  -1.29342  10.62720  1.000 102.77445 ? 10  DT A OP2   1 
ATOM   194 O  "O5'" . DT A 1 10 ? -6.69471  -3.17195  9.25004   1.000 97.45102  ? 10  DT A "O5'" 1 
ATOM   195 C  "C5'" . DT A 1 10 ? -7.66419  -3.99452  8.65019   1.000 99.47658  ? 10  DT A "C5'" 1 
ATOM   196 C  "C4'" . DT A 1 10 ? -7.09640  -4.63200  7.40735   1.000 100.30093 ? 10  DT A "C4'" 1 
ATOM   197 O  "O4'" . DT A 1 10 ? -6.75767  -3.59821  6.45333   1.000 99.93736  ? 10  DT A "O4'" 1 
ATOM   198 C  "C3'" . DT A 1 10 ? -5.78923  -5.37112  7.60945   1.000 102.87486 ? 10  DT A "C3'" 1 
ATOM   199 O  "O3'" . DT A 1 10 ? -6.02167  -6.70083  8.15197   1.000 106.53865 ? 10  DT A "O3'" 1 
ATOM   200 C  "C2'" . DT A 1 10 ? -5.26340  -5.42083  6.17622   1.000 102.85292 ? 10  DT A "C2'" 1 
ATOM   201 C  "C1'" . DT A 1 10 ? -5.74764  -4.08479  5.58985   1.000 97.62984  ? 10  DT A "C1'" 1 
ATOM   202 N  N1    . DT A 1 10 ? -4.66240  -3.06783  5.47432   1.000 96.96584  ? 10  DT A N1    1 
ATOM   203 C  C2    . DT A 1 10 ? -3.83916  -3.09098  4.36680   1.000 99.55870  ? 10  DT A C2    1 
ATOM   204 O  O2    . DT A 1 10 ? -3.96309  -3.89110  3.46014   1.000 99.70793  ? 10  DT A O2    1 
ATOM   205 N  N3    . DT A 1 10 ? -2.86105  -2.13457  4.35548   1.000 102.90118 ? 10  DT A N3    1 
ATOM   206 C  C4    . DT A 1 10 ? -2.62364  -1.17307  5.32093   1.000 105.32021 ? 10  DT A C4    1 
ATOM   207 O  O4    . DT A 1 10 ? -1.71320  -0.35250  5.21348   1.000 109.48508 ? 10  DT A O4    1 
ATOM   208 C  C5    . DT A 1 10 ? -3.52168  -1.20601  6.46606   1.000 98.01415  ? 10  DT A C5    1 
ATOM   209 C  C7    . DT A 1 10 ? -3.36445  -0.21571  7.58472   1.000 92.58924  ? 10  DT A C7    1 
ATOM   210 C  C6    . DT A 1 10 ? -4.48295  -2.14505  6.48588   1.000 96.42726  ? 10  DT A C6    1 
ATOM   211 P  P     . DG A 1 11 ? -4.94204  -7.40584  9.12895   1.000 106.87015 ? 11  DG A P     1 
ATOM   212 O  OP1   . DG A 1 11 ? -5.48294  -7.38144  10.50113  1.000 106.52265 ? 11  DG A OP1   1 
ATOM   213 O  OP2   . DG A 1 11 ? -3.59727  -6.84171  8.88450   1.000 105.26853 ? 11  DG A OP2   1 
ATOM   214 O  "O5'" . DG A 1 11 ? -4.88769  -8.92553  8.63046   1.000 101.59428 ? 11  DG A "O5'" 1 
ATOM   215 C  "C5'" . DG A 1 11 ? -3.67952  -9.40415  8.09774   1.000 103.06236 ? 11  DG A "C5'" 1 
ATOM   216 C  "C4'" . DG A 1 11 ? -3.87425  -10.03954 6.73752   1.000 103.79407 ? 11  DG A "C4'" 1 
ATOM   217 O  "O4'" . DG A 1 11 ? -4.35299  -9.05782  5.80240   1.000 103.35531 ? 11  DG A "O4'" 1 
ATOM   218 C  "C3'" . DG A 1 11 ? -2.61125  -10.61591 6.13843   1.000 109.19332 ? 11  DG A "C3'" 1 
ATOM   219 O  "O3'" . DG A 1 11 ? -2.41242  -11.98227 6.53775   1.000 117.15689 ? 11  DG A "O3'" 1 
ATOM   220 C  "C2'" . DG A 1 11 ? -2.93312  -10.51973 4.64815   1.000 107.65379 ? 11  DG A "C2'" 1 
ATOM   221 C  "C1'" . DG A 1 11 ? -3.66217  -9.18460  4.58243   1.000 104.09497 ? 11  DG A "C1'" 1 
ATOM   222 N  N9    . DG A 1 11 ? -2.80361  -8.00669  4.44288   1.000 103.41534 ? 11  DG A N9    1 
ATOM   223 C  C8    . DG A 1 11 ? -2.53475  -7.06771  5.40945   1.000 103.21410 ? 11  DG A C8    1 
ATOM   224 N  N7    . DG A 1 11 ? -1.79840  -6.07833  4.98932   1.000 100.15716 ? 11  DG A N7    1 
ATOM   225 C  C5    . DG A 1 11 ? -1.59804  -6.35506  3.64949   1.000 98.69672  ? 11  DG A C5    1 
ATOM   226 C  C6    . DG A 1 11 ? -0.87817  -5.63436  2.67668   1.000 97.83977  ? 11  DG A C6    1 
ATOM   227 O  O6    . DG A 1 11 ? -0.25881  -4.56991  2.81243   1.000 99.86475  ? 11  DG A O6    1 
ATOM   228 N  N1    . DG A 1 11 ? -0.92037  -6.26582  1.44119   1.000 95.86395  ? 11  DG A N1    1 
ATOM   229 C  C2    . DG A 1 11 ? -1.57644  -7.44701  1.18576   1.000 97.17291  ? 11  DG A C2    1 
ATOM   230 N  N2    . DG A 1 11 ? -1.51285  -7.90109  -0.06648  1.000 98.09639  ? 11  DG A N2    1 
ATOM   231 N  N3    . DG A 1 11 ? -2.26135  -8.12691  2.08594   1.000 99.04556  ? 11  DG A N3    1 
ATOM   232 C  C4    . DG A 1 11 ? -2.22588  -7.52927  3.29197   1.000 100.05474 ? 11  DG A C4    1 
ATOM   233 P  P     . DC A 1 12 ? -1.52342  -12.34480 7.83118   1.000 123.49835 ? 12  DC A P     1 
ATOM   234 O  OP1   . DC A 1 12 ? -2.38289  -13.22022 8.66607   1.000 114.58176 ? 12  DC A OP1   1 
ATOM   235 O  OP2   . DC A 1 12 ? -0.96851  -11.08896 8.40006   1.000 115.33671 ? 12  DC A OP2   1 
ATOM   236 O  "O5'" . DC A 1 12 ? -0.31236  -13.23456 7.26311   1.000 113.09777 ? 12  DC A "O5'" 1 
ATOM   237 C  "C5'" . DC A 1 12 ? 0.70689   -12.57582 6.48252   1.000 111.55437 ? 12  DC A "C5'" 1 
ATOM   238 C  "C4'" . DC A 1 12 ? 0.62001   -12.91549 5.00404   1.000 112.61372 ? 12  DC A "C4'" 1 
ATOM   239 O  "O4'" . DC A 1 12 ? -0.28539  -11.99039 4.34675   1.000 109.41426 ? 12  DC A "O4'" 1 
ATOM   240 C  "C3'" . DC A 1 12 ? 1.94205   -12.81007 4.24334   1.000 111.45164 ? 12  DC A "C3'" 1 
ATOM   241 O  "O3'" . DC A 1 12 ? 2.63238   -14.06339 4.21673   1.000 111.40703 ? 12  DC A "O3'" 1 
ATOM   242 C  "C2'" . DC A 1 12 ? 1.48296   -12.37821 2.85538   1.000 110.36219 ? 12  DC A "C2'" 1 
ATOM   243 C  "C1'" . DC A 1 12 ? 0.33469   -11.43164 3.20470   1.000 108.12834 ? 12  DC A "C1'" 1 
ATOM   244 N  N1    . DC A 1 12 ? 0.74753   -9.98096  3.51578   1.000 109.63680 ? 12  DC A N1    1 
ATOM   245 C  C2    . DC A 1 12 ? 1.38768   -9.19954  2.53458   1.000 105.79875 ? 12  DC A C2    1 
ATOM   246 O  O2    . DC A 1 12 ? 1.61949   -9.69105  1.41797   1.000 104.64021 ? 12  DC A O2    1 
ATOM   247 N  N3    . DC A 1 12 ? 1.72899   -7.91325  2.83585   1.000 100.96719 ? 12  DC A N3    1 
ATOM   248 C  C4    . DC A 1 12 ? 1.46777   -7.41022  4.04354   1.000 96.97760  ? 12  DC A C4    1 
ATOM   249 N  N4    . DC A 1 12 ? 1.83253   -6.14552  4.28548   1.000 95.94897  ? 12  DC A N4    1 
ATOM   250 C  C5    . DC A 1 12 ? 0.81768   -8.18053  5.05206   1.000 102.49287 ? 12  DC A C5    1 
ATOM   251 C  C6    . DC A 1 12 ? 0.47697   -9.44331  4.74973   1.000 109.56732 ? 12  DC A C6    1 
ATOM   252 P  P     . DC A 1 13 ? 4.10059   -14.14126 4.85954   1.000 115.07294 ? 13  DC A P     1 
ATOM   253 O  OP1   . DC A 1 13 ? 4.42470   -15.58797 4.88044   1.000 114.14062 ? 13  DC A OP1   1 
ATOM   254 O  OP2   . DC A 1 13 ? 4.12528   -13.33624 6.10767   1.000 104.68789 ? 13  DC A OP2   1 
ATOM   255 O  "O5'" . DC A 1 13 ? 5.00886   -13.39673 3.76074   1.000 109.20753 ? 13  DC A "O5'" 1 
ATOM   256 C  "C5'" . DC A 1 13 ? 5.02679   -13.89155 2.42788   1.000 105.17514 ? 13  DC A "C5'" 1 
ATOM   257 C  "C4'" . DC A 1 13 ? 5.68260   -12.92500 1.44211   1.000 104.67956 ? 13  DC A "C4'" 1 
ATOM   258 O  "O4'" . DC A 1 13 ? 4.79354   -11.79867 1.24646   1.000 103.46444 ? 13  DC A "O4'" 1 
ATOM   259 C  "C3'" . DC A 1 13 ? 7.00891   -12.26450 1.85008   1.000 101.58257 ? 13  DC A "C3'" 1 
ATOM   260 O  "O3'" . DC A 1 13 ? 8.15305   -13.11475 1.61084   1.000 105.35922 ? 13  DC A "O3'" 1 
ATOM   261 C  "C2'" . DC A 1 13 ? 7.01881   -11.03647 0.95658   1.000 97.27167  ? 13  DC A "C2'" 1 
ATOM   262 C  "C1'" . DC A 1 13 ? 5.54556   -10.62477 0.97847   1.000 96.48585  ? 13  DC A "C1'" 1 
ATOM   263 N  N1    . DC A 1 13 ? 5.27354   -9.61645  2.03214   1.000 95.04983  ? 13  DC A N1    1 
ATOM   264 C  C2    . DC A 1 13 ? 5.64552   -8.29976  1.80233   1.000 94.36667  ? 13  DC A C2    1 
ATOM   265 O  O2    . DC A 1 13 ? 6.13389   -8.01179  0.70544   1.000 94.18438  ? 13  DC A O2    1 
ATOM   266 N  N3    . DC A 1 13 ? 5.42997   -7.36326  2.77204   1.000 96.22466  ? 13  DC A N3    1 
ATOM   267 C  C4    . DC A 1 13 ? 4.89478   -7.72278  3.94091   1.000 97.32708  ? 13  DC A C4    1 
ATOM   268 N  N4    . DC A 1 13 ? 4.70313   -6.76876  4.86934   1.000 94.45539  ? 13  DC A N4    1 
ATOM   269 C  C5    . DC A 1 13 ? 4.53000   -9.08020  4.20555   1.000 102.11341 ? 13  DC A C5    1 
ATOM   270 C  C6    . DC A 1 13 ? 4.74692   -9.98819  3.23574   1.000 101.74331 ? 13  DC A C6    1 
ATOM   271 P  P     . DC A 1 14 ? 9.53503   -12.90999 2.43165   1.000 100.34619 ? 14  DC A P     1 
ATOM   272 O  OP1   . DC A 1 14 ? 10.39655  -14.08136 2.16205   1.000 102.19677 ? 14  DC A OP1   1 
ATOM   273 O  OP2   . DC A 1 14 ? 9.22634   -12.51140 3.82233   1.000 99.81784  ? 14  DC A OP2   1 
ATOM   274 O  "O5'" . DC A 1 14 ? 10.21193  -11.64335 1.71760   1.000 96.78758  ? 14  DC A "O5'" 1 
ATOM   275 C  "C5'" . DC A 1 14 ? 10.54939  -11.72368 0.32338   1.000 96.30577  ? 14  DC A "C5'" 1 
ATOM   276 C  "C4'" . DC A 1 14 ? 11.08508  -10.40359 -0.21445  1.000 88.38479  ? 14  DC A "C4'" 1 
ATOM   277 O  "O4'" . DC A 1 14 ? 10.00271  -9.44164  -0.26326  1.000 83.01028  ? 14  DC A "O4'" 1 
ATOM   278 C  "C3'" . DC A 1 14 ? 12.14210  -9.71570  0.63649   1.000 86.19787  ? 14  DC A "C3'" 1 
ATOM   279 O  "O3'" . DC A 1 14 ? 13.42935  -10.24991 0.35995   1.000 84.03988  ? 14  DC A "O3'" 1 
ATOM   280 C  "C2'" . DC A 1 14 ? 12.01617  -8.28003  0.18031   1.000 80.60340  ? 14  DC A "C2'" 1 
ATOM   281 C  "C1'" . DC A 1 14 ? 10.50654  -8.15061  0.04052   1.000 80.28516  ? 14  DC A "C1'" 1 
ATOM   282 N  N1    . DC A 1 14 ? 9.83641   -7.64740  1.26948   1.000 81.25071  ? 14  DC A N1    1 
ATOM   283 C  C2    . DC A 1 14 ? 9.94378   -6.29528  1.59604   1.000 82.66574  ? 14  DC A C2    1 
ATOM   284 O  O2    . DC A 1 14 ? 10.60904  -5.55701  0.86350   1.000 81.30970  ? 14  DC A O2    1 
ATOM   285 N  N3    . DC A 1 14 ? 9.31728   -5.82911  2.70873   1.000 83.22831  ? 14  DC A N3    1 
ATOM   286 C  C4    . DC A 1 14 ? 8.60908   -6.65998  3.47151   1.000 84.18951  ? 14  DC A C4    1 
ATOM   287 N  N4    . DC A 1 14 ? 8.01034   -6.15291  4.55657   1.000 82.88172  ? 14  DC A N4    1 
ATOM   288 C  C5    . DC A 1 14 ? 8.48828   -8.05022  3.15623   1.000 86.69511  ? 14  DC A C5    1 
ATOM   289 C  C6    . DC A 1 14 ? 9.10456   -8.49397  2.05132   1.000 86.40659  ? 14  DC A C6    1 
ATOM   290 P  P     . DC A 1 15 ? 14.52460  -10.31681 1.53233   1.000 90.61730  ? 15  DC A P     1 
ATOM   291 O  OP1   . DC A 1 15 ? 15.63675  -11.17024 1.05075   1.000 95.04716  ? 15  DC A OP1   1 
ATOM   292 O  OP2   . DC A 1 15 ? 13.78610  -10.61905 2.78403   1.000 90.10366  ? 15  DC A OP2   1 
ATOM   293 O  "O5'" . DC A 1 15 ? 15.05658  -8.81970  1.69390   1.000 70.07071  ? 15  DC A "O5'" 1 
ATOM   294 C  "C5'" . DC A 1 15 ? 15.48943  -8.10367  0.57924   1.000 66.71599  ? 15  DC A "C5'" 1 
ATOM   295 C  "C4'" . DC A 1 15 ? 15.49031  -6.63472  0.89288   1.000 70.44341  ? 15  DC A "C4'" 1 
ATOM   296 O  "O4'" . DC A 1 15 ? 14.14531  -6.21926  1.17804   1.000 74.29500  ? 15  DC A "O4'" 1 
ATOM   297 C  "C3'" . DC A 1 15 ? 16.26140  -6.24259  2.13901   1.000 70.53248  ? 15  DC A "C3'" 1 
ATOM   298 O  "O3'" . DC A 1 15 ? 17.60670  -6.09087  1.85884   1.000 72.31455  ? 15  DC A "O3'" 1 
ATOM   299 C  "C2'" . DC A 1 15 ? 15.62994  -4.92116  2.50948   1.000 70.24325  ? 15  DC A "C2'" 1 
ATOM   300 C  "C1'" . DC A 1 15 ? 14.17448  -5.16662  2.12947   1.000 74.82193  ? 15  DC A "C1'" 1 
ATOM   301 N  N1    . DC A 1 15 ? 13.31681  -5.54262  3.27444   1.000 74.47745  ? 15  DC A N1    1 
ATOM   302 C  C2    . DC A 1 15 ? 13.04781  -4.59731  4.25854   1.000 74.33575  ? 15  DC A C2    1 
ATOM   303 O  O2    . DC A 1 15 ? 13.57209  -3.47917  4.17531   1.000 73.90079  ? 15  DC A O2    1 
ATOM   304 N  N3    . DC A 1 15 ? 12.24803  -4.93909  5.29796   1.000 77.13032  ? 15  DC A N3    1 
ATOM   305 C  C4    . DC A 1 15 ? 11.71020  -6.15477  5.35308   1.000 77.79665  ? 15  DC A C4    1 
ATOM   306 N  N4    . DC A 1 15 ? 10.92307  -6.43871  6.39569   1.000 81.09360  ? 15  DC A N4    1 
ATOM   307 C  C5    . DC A 1 15 ? 11.95403  -7.13074  4.34073   1.000 78.05037  ? 15  DC A C5    1 
ATOM   308 C  C6    . DC A 1 15 ? 12.74990  -6.78142  3.32440   1.000 76.84223  ? 15  DC A C6    1 
ATOM   309 P  P     . DA A 1 16 ? 18.68445  -6.51097  2.96162   1.000 69.52942  ? 16  DA A P     1 
ATOM   310 O  OP1   . DA A 1 16 ? 19.99086  -5.96172  2.53848   1.000 72.06453  ? 16  DA A OP1   1 
ATOM   311 O  OP2   . DA A 1 16 ? 18.46505  -7.95944  3.16427   1.000 72.32291  ? 16  DA A OP2   1 
ATOM   312 O  "O5'" . DA A 1 16 ? 18.24610  -5.73510  4.28796   1.000 69.03455  ? 16  DA A "O5'" 1 
ATOM   313 C  "C5'" . DA A 1 16 ? 19.20168  -4.95270  4.99891   1.000 65.68152  ? 16  DA A "C5'" 1 
ATOM   314 C  "C4'" . DA A 1 16 ? 18.56702  -3.65907  5.44562   1.000 67.90874  ? 16  DA A "C4'" 1 
ATOM   315 O  "O4'" . DA A 1 16 ? 17.14378  -3.76993  5.27536   1.000 67.26375  ? 16  DA A "O4'" 1 
ATOM   316 C  "C3'" . DA A 1 16 ? 18.73628  -3.31092  6.91869   1.000 71.23270  ? 16  DA A "C3'" 1 
ATOM   317 O  "O3'" . DA A 1 16 ? 19.94990  -2.63897  7.09861   1.000 74.13796  ? 16  DA A "O3'" 1 
ATOM   318 C  "C2'" . DA A 1 16 ? 17.54140  -2.41791  7.20290   1.000 69.90813  ? 16  DA A "C2'" 1 
ATOM   319 C  "C1'" . DA A 1 16 ? 16.48535  -2.97733  6.24986   1.000 70.82628  ? 16  DA A "C1'" 1 
ATOM   320 N  N9    . DA A 1 16 ? 15.44911  -3.77556  6.89891   1.000 72.98123  ? 16  DA A N9    1 
ATOM   321 C  C8    . DA A 1 16 ? 15.17634  -5.10319  6.70345   1.000 72.91040  ? 16  DA A C8    1 
ATOM   322 N  N7    . DA A 1 16 ? 14.15372  -5.54144  7.40521   1.000 73.14922  ? 16  DA A N7    1 
ATOM   323 C  C5    . DA A 1 16 ? 13.70970  -4.41567  8.08075   1.000 72.46006  ? 16  DA A C5    1 
ATOM   324 C  C6    . DA A 1 16 ? 12.64729  -4.20380  8.98257   1.000 72.62501  ? 16  DA A C6    1 
ATOM   325 N  N6    . DA A 1 16 ? 11.80660  -5.16554  9.37338   1.000 74.57083  ? 16  DA A N6    1 
ATOM   326 N  N1    . DA A 1 16 ? 12.48459  -2.95877  9.47176   1.000 71.53847  ? 16  DA A N1    1 
ATOM   327 C  C2    . DA A 1 16 ? 13.32865  -1.99386  9.08087   1.000 72.37558  ? 16  DA A C2    1 
ATOM   328 N  N3    . DA A 1 16 ? 14.35806  -2.06920  8.24185   1.000 70.37857  ? 16  DA A N3    1 
ATOM   329 C  C4    . DA A 1 16 ? 14.49510  -3.31893  7.77329   1.000 71.86721  ? 16  DA A C4    1 
ATOM   330 P  P     . DC A 1 17 ? 20.84011  -2.90421  8.40410   1.000 82.38108  ? 17  DC A P     1 
ATOM   331 O  OP1   . DC A 1 17 ? 22.17920  -2.32374  8.16010   1.000 91.88175  ? 17  DC A OP1   1 
ATOM   332 O  OP2   . DC A 1 17 ? 20.67091  -4.34619  8.70554   1.000 66.97487  ? 17  DC A OP2   1 
ATOM   333 O  "O5'" . DC A 1 17 ? 20.14211  -2.02667  9.54711   1.000 77.76534  ? 17  DC A "O5'" 1 
ATOM   334 C  "C5'" . DC A 1 17 ? 20.07360  -0.60650  9.36798   1.000 77.86512  ? 17  DC A "C5'" 1 
ATOM   335 C  "C4'" . DC A 1 17 ? 19.10319  0.02619   10.34660  1.000 85.84469  ? 17  DC A "C4'" 1 
ATOM   336 O  "O4'" . DC A 1 17 ? 17.77250  -0.42899  10.04214  1.000 84.18641  ? 17  DC A "O4'" 1 
ATOM   337 C  "C3'" . DC A 1 17 ? 19.30485  -0.32205  11.81666  1.000 89.16203  ? 17  DC A "C3'" 1 
ATOM   338 O  "O3'" . DC A 1 17 ? 20.24569  0.58423   12.40201  1.000 92.96739  ? 17  DC A "O3'" 1 
ATOM   339 C  "C2'" . DC A 1 17 ? 17.91618  -0.12763  12.39738  1.000 85.51619  ? 17  DC A "C2'" 1 
ATOM   340 C  "C1'" . DC A 1 17 ? 17.01612  -0.52775  11.23086  1.000 81.41156  ? 17  DC A "C1'" 1 
ATOM   341 N  N1    . DC A 1 17 ? 16.49495  -1.90486  11.30645  1.000 75.54948  ? 17  DC A N1    1 
ATOM   342 C  C2    . DC A 1 17 ? 15.40657  -2.18800  12.13243  1.000 78.25092  ? 17  DC A C2    1 
ATOM   343 O  O2    . DC A 1 17 ? 14.93066  -1.28144  12.83755  1.000 77.95880  ? 17  DC A O2    1 
ATOM   344 N  N3    . DC A 1 17 ? 14.92528  -3.45850  12.16710  1.000 73.85217  ? 17  DC A N3    1 
ATOM   345 C  C4    . DC A 1 17 ? 15.46864  -4.39651  11.39252  1.000 69.41870  ? 17  DC A C4    1 
ATOM   346 N  N4    . DC A 1 17 ? 14.95616  -5.62935  11.44966  1.000 70.89670  ? 17  DC A N4    1 
ATOM   347 C  C5    . DC A 1 17 ? 16.55898  -4.11229  10.52275  1.000 69.76475  ? 17  DC A C5    1 
ATOM   348 C  C6    . DC A 1 17 ? 17.03084  -2.86667  10.50871  1.000 70.69803  ? 17  DC A C6    1 
ATOM   349 P  P     . DC A 1 18 ? 21.14584  0.15867   13.66250  1.000 104.55214 ? 18  DC A P     1 
ATOM   350 O  OP1   . DC A 1 18 ? 22.26479  1.12361   13.78676  1.000 113.18315 ? 18  DC A OP1   1 
ATOM   351 O  OP2   . DC A 1 18 ? 21.38762  -1.30411  13.56887  1.000 91.81352  ? 18  DC A OP2   1 
ATOM   352 O  "O5'" . DC A 1 18 ? 20.18615  0.44586   14.90415  1.000 98.33559  ? 18  DC A "O5'" 1 
ATOM   353 C  "C5'" . DC A 1 18 ? 19.55651  1.72092   15.04682  1.000 99.11295  ? 18  DC A "C5'" 1 
ATOM   354 C  "C4'" . DC A 1 18 ? 18.45766  1.64226   16.09322  1.000 98.16089  ? 18  DC A "C4'" 1 
ATOM   355 O  "O4'" . DC A 1 18 ? 17.50008  0.62088   15.68893  1.000 92.61203  ? 18  DC A "O4'" 1 
ATOM   356 C  "C3'" . DC A 1 18 ? 18.92879  1.23305   17.49236  1.000 98.39250  ? 18  DC A "C3'" 1 
ATOM   357 O  "O3'" . DC A 1 18 ? 18.21921  1.97630   18.48530  1.000 93.20899  ? 18  DC A "O3'" 1 
ATOM   358 C  "C2'" . DC A 1 18 ? 18.59725  -0.25250  17.55119  1.000 88.78873  ? 18  DC A "C2'" 1 
ATOM   359 C  "C1'" . DC A 1 18 ? 17.30921  -0.29032  16.74969  1.000 86.36454  ? 18  DC A "C1'" 1 
ATOM   360 N  N1    . DC A 1 18 ? 17.03155  -1.63046  16.19172  1.000 74.53059  ? 18  DC A N1    1 
ATOM   361 C  C2    . DC A 1 18 ? 15.87220  -2.30920  16.57419  1.000 76.13845  ? 18  DC A C2    1 
ATOM   362 O  O2    . DC A 1 18 ? 15.07242  -1.75386  17.33906  1.000 80.27076  ? 18  DC A O2    1 
ATOM   363 N  N3    . DC A 1 18 ? 15.63624  -3.54160  16.07170  1.000 70.26676  ? 18  DC A N3    1 
ATOM   364 C  C4    . DC A 1 18 ? 16.50828  -4.09502  15.24669  1.000 67.17932  ? 18  DC A C4    1 
ATOM   365 N  N4    . DC A 1 18 ? 16.23271  -5.31260  14.78102  1.000 62.60068  ? 18  DC A N4    1 
ATOM   366 C  C5    . DC A 1 18 ? 17.70223  -3.42496  14.85798  1.000 73.28639  ? 18  DC A C5    1 
ATOM   367 C  C6    . DC A 1 18 ? 17.92628  -2.20998  15.36007  1.000 74.41163  ? 18  DC A C6    1 
HETATM 368 SR SR    . SR B 2 .  ? 2.94187   -1.93989  3.47584   1.000 131.62019 ? 101 SR A SR    1 
HETATM 369 SR SR    . SR C 2 .  ? -0.46865  0.92463   2.98337   1.000 151.36218 ? 102 SR A SR    1 
# 
